data_7XP9
# 
_entry.id   7XP9 
# 
_audit_conform.dict_name       mmcif_pdbx.dic 
_audit_conform.dict_version    5.392 
_audit_conform.dict_location   http://mmcif.pdb.org/dictionaries/ascii/mmcif_pdbx.dic 
# 
loop_
_database_2.database_id 
_database_2.database_code 
_database_2.pdbx_database_accession 
_database_2.pdbx_DOI 
PDB   7XP9         pdb_00007xp9 10.2210/pdb7xp9/pdb 
WWPDB D_1300027435 ?            ?                   
# 
loop_
_pdbx_audit_revision_history.ordinal 
_pdbx_audit_revision_history.data_content_type 
_pdbx_audit_revision_history.major_revision 
_pdbx_audit_revision_history.minor_revision 
_pdbx_audit_revision_history.revision_date 
1 'Structure model' 1 0 2023-06-07 
2 'Structure model' 1 1 2024-05-29 
# 
_pdbx_audit_revision_details.ordinal             1 
_pdbx_audit_revision_details.revision_ordinal    1 
_pdbx_audit_revision_details.data_content_type   'Structure model' 
_pdbx_audit_revision_details.provider            repository 
_pdbx_audit_revision_details.type                'Initial release' 
_pdbx_audit_revision_details.description         ? 
_pdbx_audit_revision_details.details             ? 
# 
_pdbx_audit_revision_group.ordinal             1 
_pdbx_audit_revision_group.revision_ordinal    2 
_pdbx_audit_revision_group.data_content_type   'Structure model' 
_pdbx_audit_revision_group.group               'Data collection' 
# 
loop_
_pdbx_audit_revision_category.ordinal 
_pdbx_audit_revision_category.revision_ordinal 
_pdbx_audit_revision_category.data_content_type 
_pdbx_audit_revision_category.category 
1 2 'Structure model' chem_comp_atom 
2 2 'Structure model' chem_comp_bond 
# 
_pdbx_database_status.status_code                     REL 
_pdbx_database_status.status_code_sf                  REL 
_pdbx_database_status.status_code_mr                  ? 
_pdbx_database_status.entry_id                        7XP9 
_pdbx_database_status.recvd_initial_deposition_date   2022-05-04 
_pdbx_database_status.SG_entry                        N 
_pdbx_database_status.deposit_site                    PDBJ 
_pdbx_database_status.process_site                    PDBJ 
_pdbx_database_status.status_code_cs                  ? 
_pdbx_database_status.status_code_nmr_data            ? 
_pdbx_database_status.methods_development_category    ? 
_pdbx_database_status.pdb_format_compatible           Y 
# 
_pdbx_contact_author.id                 2 
_pdbx_contact_author.email              weimanxing@shnu.edu.cn 
_pdbx_contact_author.name_first         Weiman 
_pdbx_contact_author.name_last          Xing 
_pdbx_contact_author.name_mi            ? 
_pdbx_contact_author.role               'principal investigator/group leader' 
_pdbx_contact_author.identifier_ORCID   0000-0002-6238-0075 
# 
loop_
_audit_author.name 
_audit_author.pdbx_ordinal 
_audit_author.identifier_ORCID 
'Xing, W.' 1 0000-0002-6238-0075 
'Hu, Q.'   2 0000-0001-6706-7347 
'Zhou, J.' 3 0000-0002-3454-1927 
'Yao, D.'  4 0000-0003-4881-265X 
# 
_citation.abstract                  ? 
_citation.abstract_id_CAS           ? 
_citation.book_id_ISBN              ? 
_citation.book_publisher            ? 
_citation.book_publisher_city       ? 
_citation.book_title                ? 
_citation.coordinate_linkage        ? 
_citation.country                   ? 
_citation.database_id_Medline       ? 
_citation.details                   ? 
_citation.id                        primary 
_citation.journal_abbrev            'To Be Published' 
_citation.journal_id_ASTM           ? 
_citation.journal_id_CSD            0353 
_citation.journal_id_ISSN           ? 
_citation.journal_full              ? 
_citation.journal_issue             ? 
_citation.journal_volume            ? 
_citation.language                  ? 
_citation.page_first                ? 
_citation.page_last                 ? 
_citation.title                     
'Chloroplast Protein GLYK Hijacked by Phytophthora Infestans Effector AVRvnt1 in Cytoplasm to Activate NLR' 
_citation.year                      ? 
_citation.database_id_CSD           ? 
_citation.pdbx_database_id_DOI      ? 
_citation.pdbx_database_id_PubMed   ? 
_citation.pdbx_database_id_patent   ? 
_citation.unpublished_flag          ? 
# 
loop_
_citation_author.citation_id 
_citation_author.name 
_citation_author.ordinal 
_citation_author.identifier_ORCID 
primary 'Xing, W.' 1 0000-0002-6238-0075 
primary 'Hu, Q.'   2 0000-0001-6706-7347 
primary 'Zhou, J.' 3 0000-0002-3454-1927 
primary 'Yao, D.'  4 0000-0003-4881-265X 
# 
loop_
_entity.id 
_entity.type 
_entity.src_method 
_entity.pdbx_description 
_entity.formula_weight 
_entity.pdbx_number_of_molecules 
_entity.pdbx_ec 
_entity.pdbx_mutation 
_entity.pdbx_fragment 
_entity.details 
1 polymer man 'RxLR effector protein Avr-vnt11' 9581.048 1  ? ? ? ? 
2 water   nat water                             18.015   50 ? ? ? ? 
# 
_entity_name_com.entity_id   1 
_entity_name_com.name        'Avirulence protein Avr-vnt1' 
# 
_entity_poly.entity_id                      1 
_entity_poly.type                           'polypeptide(L)' 
_entity_poly.nstd_linkage                   no 
_entity_poly.nstd_monomer                   no 
_entity_poly.pdbx_seq_one_letter_code       
;STQNLGNSLMRVFSKEATRKYYLDLFKRADFTANLPKLAKKGGPDRLNDALKKLRKAGISEEKFAELKGAAAKYADDWYR
IYGK
;
_entity_poly.pdbx_seq_one_letter_code_can   
;STQNLGNSLMRVFSKEATRKYYLDLFKRADFTANLPKLAKKGGPDRLNDALKKLRKAGISEEKFAELKGAAAKYADDWYR
IYGK
;
_entity_poly.pdbx_strand_id                 A 
_entity_poly.pdbx_target_identifier         ? 
# 
_pdbx_entity_nonpoly.entity_id   2 
_pdbx_entity_nonpoly.name        water 
_pdbx_entity_nonpoly.comp_id     HOH 
# 
loop_
_entity_poly_seq.entity_id 
_entity_poly_seq.num 
_entity_poly_seq.mon_id 
_entity_poly_seq.hetero 
1 1  SER n 
1 2  THR n 
1 3  GLN n 
1 4  ASN n 
1 5  LEU n 
1 6  GLY n 
1 7  ASN n 
1 8  SER n 
1 9  LEU n 
1 10 MET n 
1 11 ARG n 
1 12 VAL n 
1 13 PHE n 
1 14 SER n 
1 15 LYS n 
1 16 GLU n 
1 17 ALA n 
1 18 THR n 
1 19 ARG n 
1 20 LYS n 
1 21 TYR n 
1 22 TYR n 
1 23 LEU n 
1 24 ASP n 
1 25 LEU n 
1 26 PHE n 
1 27 LYS n 
1 28 ARG n 
1 29 ALA n 
1 30 ASP n 
1 31 PHE n 
1 32 THR n 
1 33 ALA n 
1 34 ASN n 
1 35 LEU n 
1 36 PRO n 
1 37 LYS n 
1 38 LEU n 
1 39 ALA n 
1 40 LYS n 
1 41 LYS n 
1 42 GLY n 
1 43 GLY n 
1 44 PRO n 
1 45 ASP n 
1 46 ARG n 
1 47 LEU n 
1 48 ASN n 
1 49 ASP n 
1 50 ALA n 
1 51 LEU n 
1 52 LYS n 
1 53 LYS n 
1 54 LEU n 
1 55 ARG n 
1 56 LYS n 
1 57 ALA n 
1 58 GLY n 
1 59 ILE n 
1 60 SER n 
1 61 GLU n 
1 62 GLU n 
1 63 LYS n 
1 64 PHE n 
1 65 ALA n 
1 66 GLU n 
1 67 LEU n 
1 68 LYS n 
1 69 GLY n 
1 70 ALA n 
1 71 ALA n 
1 72 ALA n 
1 73 LYS n 
1 74 TYR n 
1 75 ALA n 
1 76 ASP n 
1 77 ASP n 
1 78 TRP n 
1 79 TYR n 
1 80 ARG n 
1 81 ILE n 
1 82 TYR n 
1 83 GLY n 
1 84 LYS n 
# 
_entity_src_gen.entity_id                          1 
_entity_src_gen.pdbx_src_id                        1 
_entity_src_gen.pdbx_alt_source_flag               sample 
_entity_src_gen.pdbx_seq_type                      'Biological sequence' 
_entity_src_gen.pdbx_beg_seq_num                   1 
_entity_src_gen.pdbx_end_seq_num                   84 
_entity_src_gen.gene_src_common_name               ? 
_entity_src_gen.gene_src_genus                     ? 
_entity_src_gen.pdbx_gene_src_gene                 'Avr-vnt1, PITG_16294' 
_entity_src_gen.gene_src_species                   ? 
_entity_src_gen.gene_src_strain                    T30-4 
_entity_src_gen.gene_src_tissue                    ? 
_entity_src_gen.gene_src_tissue_fraction           ? 
_entity_src_gen.gene_src_details                   ? 
_entity_src_gen.pdbx_gene_src_fragment             ? 
_entity_src_gen.pdbx_gene_src_scientific_name      'Phytophthora infestans T30-4' 
_entity_src_gen.pdbx_gene_src_ncbi_taxonomy_id     403677 
_entity_src_gen.pdbx_gene_src_variant              ? 
_entity_src_gen.pdbx_gene_src_cell_line            ? 
_entity_src_gen.pdbx_gene_src_atcc                 ? 
_entity_src_gen.pdbx_gene_src_organ                ? 
_entity_src_gen.pdbx_gene_src_organelle            ? 
_entity_src_gen.pdbx_gene_src_cell                 ? 
_entity_src_gen.pdbx_gene_src_cellular_location    ? 
_entity_src_gen.host_org_common_name               ? 
_entity_src_gen.pdbx_host_org_scientific_name      'Escherichia coli' 
_entity_src_gen.pdbx_host_org_ncbi_taxonomy_id     562 
_entity_src_gen.host_org_genus                     ? 
_entity_src_gen.pdbx_host_org_gene                 ? 
_entity_src_gen.pdbx_host_org_organ                ? 
_entity_src_gen.host_org_species                   ? 
_entity_src_gen.pdbx_host_org_tissue               ? 
_entity_src_gen.pdbx_host_org_tissue_fraction      ? 
_entity_src_gen.pdbx_host_org_strain               ? 
_entity_src_gen.pdbx_host_org_variant              ? 
_entity_src_gen.pdbx_host_org_cell_line            ? 
_entity_src_gen.pdbx_host_org_atcc                 ? 
_entity_src_gen.pdbx_host_org_culture_collection   ? 
_entity_src_gen.pdbx_host_org_cell                 ? 
_entity_src_gen.pdbx_host_org_organelle            ? 
_entity_src_gen.pdbx_host_org_cellular_location    ? 
_entity_src_gen.pdbx_host_org_vector_type          ? 
_entity_src_gen.pdbx_host_org_vector               ? 
_entity_src_gen.host_org_details                   ? 
_entity_src_gen.expression_system_id               ? 
_entity_src_gen.plasmid_name                       ? 
_entity_src_gen.plasmid_details                    ? 
_entity_src_gen.pdbx_description                   ? 
# 
loop_
_chem_comp.id 
_chem_comp.type 
_chem_comp.mon_nstd_flag 
_chem_comp.name 
_chem_comp.pdbx_synonyms 
_chem_comp.formula 
_chem_comp.formula_weight 
ALA 'L-peptide linking' y ALANINE         ? 'C3 H7 N O2'     89.093  
ARG 'L-peptide linking' y ARGININE        ? 'C6 H15 N4 O2 1' 175.209 
ASN 'L-peptide linking' y ASPARAGINE      ? 'C4 H8 N2 O3'    132.118 
ASP 'L-peptide linking' y 'ASPARTIC ACID' ? 'C4 H7 N O4'     133.103 
GLN 'L-peptide linking' y GLUTAMINE       ? 'C5 H10 N2 O3'   146.144 
GLU 'L-peptide linking' y 'GLUTAMIC ACID' ? 'C5 H9 N O4'     147.129 
GLY 'peptide linking'   y GLYCINE         ? 'C2 H5 N O2'     75.067  
HOH non-polymer         . WATER           ? 'H2 O'           18.015  
ILE 'L-peptide linking' y ISOLEUCINE      ? 'C6 H13 N O2'    131.173 
LEU 'L-peptide linking' y LEUCINE         ? 'C6 H13 N O2'    131.173 
LYS 'L-peptide linking' y LYSINE          ? 'C6 H15 N2 O2 1' 147.195 
MET 'L-peptide linking' y METHIONINE      ? 'C5 H11 N O2 S'  149.211 
PHE 'L-peptide linking' y PHENYLALANINE   ? 'C9 H11 N O2'    165.189 
PRO 'L-peptide linking' y PROLINE         ? 'C5 H9 N O2'     115.130 
SER 'L-peptide linking' y SERINE          ? 'C3 H7 N O3'     105.093 
THR 'L-peptide linking' y THREONINE       ? 'C4 H9 N O3'     119.119 
TRP 'L-peptide linking' y TRYPTOPHAN      ? 'C11 H12 N2 O2'  204.225 
TYR 'L-peptide linking' y TYROSINE        ? 'C9 H11 N O3'    181.189 
VAL 'L-peptide linking' y VALINE          ? 'C5 H11 N O2'    117.146 
# 
loop_
_pdbx_poly_seq_scheme.asym_id 
_pdbx_poly_seq_scheme.entity_id 
_pdbx_poly_seq_scheme.seq_id 
_pdbx_poly_seq_scheme.mon_id 
_pdbx_poly_seq_scheme.ndb_seq_num 
_pdbx_poly_seq_scheme.pdb_seq_num 
_pdbx_poly_seq_scheme.auth_seq_num 
_pdbx_poly_seq_scheme.pdb_mon_id 
_pdbx_poly_seq_scheme.auth_mon_id 
_pdbx_poly_seq_scheme.pdb_strand_id 
_pdbx_poly_seq_scheme.pdb_ins_code 
_pdbx_poly_seq_scheme.hetero 
A 1 1  SER 1  64  ?   ?   ?   A . n 
A 1 2  THR 2  65  ?   ?   ?   A . n 
A 1 3  GLN 3  66  ?   ?   ?   A . n 
A 1 4  ASN 4  67  ?   ?   ?   A . n 
A 1 5  LEU 5  68  ?   ?   ?   A . n 
A 1 6  GLY 6  69  ?   ?   ?   A . n 
A 1 7  ASN 7  70  ?   ?   ?   A . n 
A 1 8  SER 8  71  ?   ?   ?   A . n 
A 1 9  LEU 9  72  72  LEU LEU A . n 
A 1 10 MET 10 73  73  MET MET A . n 
A 1 11 ARG 11 74  74  ARG ARG A . n 
A 1 12 VAL 12 75  75  VAL VAL A . n 
A 1 13 PHE 13 76  76  PHE PHE A . n 
A 1 14 SER 14 77  77  SER SER A . n 
A 1 15 LYS 15 78  78  LYS LYS A . n 
A 1 16 GLU 16 79  79  GLU GLU A . n 
A 1 17 ALA 17 80  80  ALA ALA A . n 
A 1 18 THR 18 81  81  THR THR A . n 
A 1 19 ARG 19 82  82  ARG ARG A . n 
A 1 20 LYS 20 83  83  LYS LYS A . n 
A 1 21 TYR 21 84  84  TYR TYR A . n 
A 1 22 TYR 22 85  85  TYR TYR A . n 
A 1 23 LEU 23 86  86  LEU LEU A . n 
A 1 24 ASP 24 87  87  ASP ASP A . n 
A 1 25 LEU 25 88  88  LEU LEU A . n 
A 1 26 PHE 26 89  89  PHE PHE A . n 
A 1 27 LYS 27 90  90  LYS LYS A . n 
A 1 28 ARG 28 91  91  ARG ARG A . n 
A 1 29 ALA 29 92  92  ALA ALA A . n 
A 1 30 ASP 30 93  93  ASP ASP A . n 
A 1 31 PHE 31 94  94  PHE PHE A . n 
A 1 32 THR 32 95  95  THR THR A . n 
A 1 33 ALA 33 96  96  ALA ALA A . n 
A 1 34 ASN 34 97  97  ASN ASN A . n 
A 1 35 LEU 35 98  98  LEU LEU A . n 
A 1 36 PRO 36 99  99  PRO PRO A . n 
A 1 37 LYS 37 100 100 LYS LYS A . n 
A 1 38 LEU 38 101 101 LEU LEU A . n 
A 1 39 ALA 39 102 102 ALA ALA A . n 
A 1 40 LYS 40 103 103 LYS LYS A . n 
A 1 41 LYS 41 104 104 LYS LYS A . n 
A 1 42 GLY 42 105 105 GLY GLY A . n 
A 1 43 GLY 43 106 106 GLY GLY A . n 
A 1 44 PRO 44 107 107 PRO PRO A . n 
A 1 45 ASP 45 108 108 ASP ASP A . n 
A 1 46 ARG 46 109 109 ARG ARG A . n 
A 1 47 LEU 47 110 110 LEU LEU A . n 
A 1 48 ASN 48 111 111 ASN ASN A . n 
A 1 49 ASP 49 112 112 ASP ASP A . n 
A 1 50 ALA 50 113 113 ALA ALA A . n 
A 1 51 LEU 51 114 114 LEU LEU A . n 
A 1 52 LYS 52 115 115 LYS LYS A . n 
A 1 53 LYS 53 116 116 LYS LYS A . n 
A 1 54 LEU 54 117 117 LEU LEU A . n 
A 1 55 ARG 55 118 118 ARG ARG A . n 
A 1 56 LYS 56 119 119 LYS LYS A . n 
A 1 57 ALA 57 120 120 ALA ALA A . n 
A 1 58 GLY 58 121 121 GLY GLY A . n 
A 1 59 ILE 59 122 122 ILE ILE A . n 
A 1 60 SER 60 123 123 SER SER A . n 
A 1 61 GLU 61 124 124 GLU GLU A . n 
A 1 62 GLU 62 125 125 GLU GLU A . n 
A 1 63 LYS 63 126 126 LYS LYS A . n 
A 1 64 PHE 64 127 127 PHE PHE A . n 
A 1 65 ALA 65 128 128 ALA ALA A . n 
A 1 66 GLU 66 129 129 GLU GLU A . n 
A 1 67 LEU 67 130 130 LEU LEU A . n 
A 1 68 LYS 68 131 131 LYS LYS A . n 
A 1 69 GLY 69 132 132 GLY GLY A . n 
A 1 70 ALA 70 133 133 ALA ALA A . n 
A 1 71 ALA 71 134 134 ALA ALA A . n 
A 1 72 ALA 72 135 135 ALA ALA A . n 
A 1 73 LYS 73 136 136 LYS LYS A . n 
A 1 74 TYR 74 137 137 TYR TYR A . n 
A 1 75 ALA 75 138 138 ALA ALA A . n 
A 1 76 ASP 76 139 139 ASP ASP A . n 
A 1 77 ASP 77 140 140 ASP ASP A . n 
A 1 78 TRP 78 141 141 TRP TRP A . n 
A 1 79 TYR 79 142 142 TYR TYR A . n 
A 1 80 ARG 80 143 143 ARG ARG A . n 
A 1 81 ILE 81 144 144 ILE ILE A . n 
A 1 82 TYR 82 145 145 TYR TYR A . n 
A 1 83 GLY 83 146 146 GLY GLY A . n 
A 1 84 LYS 84 147 147 LYS LYS A . n 
# 
loop_
_pdbx_nonpoly_scheme.asym_id 
_pdbx_nonpoly_scheme.entity_id 
_pdbx_nonpoly_scheme.mon_id 
_pdbx_nonpoly_scheme.ndb_seq_num 
_pdbx_nonpoly_scheme.pdb_seq_num 
_pdbx_nonpoly_scheme.auth_seq_num 
_pdbx_nonpoly_scheme.pdb_mon_id 
_pdbx_nonpoly_scheme.auth_mon_id 
_pdbx_nonpoly_scheme.pdb_strand_id 
_pdbx_nonpoly_scheme.pdb_ins_code 
B 2 HOH 1  201 42 HOH HOH A . 
B 2 HOH 2  202 8  HOH HOH A . 
B 2 HOH 3  203 26 HOH HOH A . 
B 2 HOH 4  204 31 HOH HOH A . 
B 2 HOH 5  205 36 HOH HOH A . 
B 2 HOH 6  206 46 HOH HOH A . 
B 2 HOH 7  207 25 HOH HOH A . 
B 2 HOH 8  208 9  HOH HOH A . 
B 2 HOH 9  209 3  HOH HOH A . 
B 2 HOH 10 210 23 HOH HOH A . 
B 2 HOH 11 211 22 HOH HOH A . 
B 2 HOH 12 212 34 HOH HOH A . 
B 2 HOH 13 213 5  HOH HOH A . 
B 2 HOH 14 214 2  HOH HOH A . 
B 2 HOH 15 215 15 HOH HOH A . 
B 2 HOH 16 216 14 HOH HOH A . 
B 2 HOH 17 217 4  HOH HOH A . 
B 2 HOH 18 218 7  HOH HOH A . 
B 2 HOH 19 219 32 HOH HOH A . 
B 2 HOH 20 220 29 HOH HOH A . 
B 2 HOH 21 221 40 HOH HOH A . 
B 2 HOH 22 222 6  HOH HOH A . 
B 2 HOH 23 223 19 HOH HOH A . 
B 2 HOH 24 224 27 HOH HOH A . 
B 2 HOH 25 225 1  HOH HOH A . 
B 2 HOH 26 226 28 HOH HOH A . 
B 2 HOH 27 227 35 HOH HOH A . 
B 2 HOH 28 228 44 HOH HOH A . 
B 2 HOH 29 229 11 HOH HOH A . 
B 2 HOH 30 230 43 HOH HOH A . 
B 2 HOH 31 231 17 HOH HOH A . 
B 2 HOH 32 232 30 HOH HOH A . 
B 2 HOH 33 233 24 HOH HOH A . 
B 2 HOH 34 234 13 HOH HOH A . 
B 2 HOH 35 235 47 HOH HOH A . 
B 2 HOH 36 236 18 HOH HOH A . 
B 2 HOH 37 237 21 HOH HOH A . 
B 2 HOH 38 238 10 HOH HOH A . 
B 2 HOH 39 239 41 HOH HOH A . 
B 2 HOH 40 240 38 HOH HOH A . 
B 2 HOH 41 241 39 HOH HOH A . 
B 2 HOH 42 242 49 HOH HOH A . 
B 2 HOH 43 243 33 HOH HOH A . 
B 2 HOH 44 244 20 HOH HOH A . 
B 2 HOH 45 245 16 HOH HOH A . 
B 2 HOH 46 246 50 HOH HOH A . 
B 2 HOH 47 247 12 HOH HOH A . 
B 2 HOH 48 248 45 HOH HOH A . 
B 2 HOH 49 249 37 HOH HOH A . 
B 2 HOH 50 250 48 HOH HOH A . 
# 
loop_
_pdbx_unobs_or_zero_occ_atoms.id 
_pdbx_unobs_or_zero_occ_atoms.PDB_model_num 
_pdbx_unobs_or_zero_occ_atoms.polymer_flag 
_pdbx_unobs_or_zero_occ_atoms.occupancy_flag 
_pdbx_unobs_or_zero_occ_atoms.auth_asym_id 
_pdbx_unobs_or_zero_occ_atoms.auth_comp_id 
_pdbx_unobs_or_zero_occ_atoms.auth_seq_id 
_pdbx_unobs_or_zero_occ_atoms.PDB_ins_code 
_pdbx_unobs_or_zero_occ_atoms.auth_atom_id 
_pdbx_unobs_or_zero_occ_atoms.label_alt_id 
_pdbx_unobs_or_zero_occ_atoms.label_asym_id 
_pdbx_unobs_or_zero_occ_atoms.label_comp_id 
_pdbx_unobs_or_zero_occ_atoms.label_seq_id 
_pdbx_unobs_or_zero_occ_atoms.label_atom_id 
1 1 Y 1 A ARG 74 ? CG  ? A ARG 11 CG  
2 1 Y 1 A ARG 74 ? CD  ? A ARG 11 CD  
3 1 Y 1 A ARG 74 ? NE  ? A ARG 11 NE  
4 1 Y 1 A ARG 74 ? CZ  ? A ARG 11 CZ  
5 1 Y 1 A ARG 74 ? NH1 ? A ARG 11 NH1 
6 1 Y 1 A ARG 74 ? NH2 ? A ARG 11 NH2 
# 
loop_
_software.citation_id 
_software.classification 
_software.compiler_name 
_software.compiler_version 
_software.contact_author 
_software.contact_author_email 
_software.date 
_software.description 
_software.dependencies 
_software.hardware 
_software.language 
_software.location 
_software.mods 
_software.name 
_software.os 
_software.os_version 
_software.type 
_software.version 
_software.pdbx_ordinal 
? refinement        ? ? ? ? ? ? ? ? ? ? ? PHENIX      ? ? ? 1.20.1_4487 1 
? 'data scaling'    ? ? ? ? ? ? ? ? ? ? ? HKL-2000    ? ? ? .           2 
? 'data extraction' ? ? ? ? ? ? ? ? ? ? ? PDB_EXTRACT ? ? ? 3.27        3 
? 'data reduction'  ? ? ? ? ? ? ? ? ? ? ? HKL-2000    ? ? ? .           4 
? phasing           ? ? ? ? ? ? ? ? ? ? ? PHENIX      ? ? ? .           5 
# 
_cell.angle_alpha                  90.000 
_cell.angle_alpha_esd              ? 
_cell.angle_beta                   90.000 
_cell.angle_beta_esd               ? 
_cell.angle_gamma                  120.000 
_cell.angle_gamma_esd              ? 
_cell.entry_id                     7XP9 
_cell.details                      ? 
_cell.formula_units_Z              ? 
_cell.length_a                     54.004 
_cell.length_a_esd                 ? 
_cell.length_b                     54.004 
_cell.length_b_esd                 ? 
_cell.length_c                     116.547 
_cell.length_c_esd                 ? 
_cell.volume                       ? 
_cell.volume_esd                   ? 
_cell.Z_PDB                        12 
_cell.reciprocal_angle_alpha       ? 
_cell.reciprocal_angle_beta        ? 
_cell.reciprocal_angle_gamma       ? 
_cell.reciprocal_angle_alpha_esd   ? 
_cell.reciprocal_angle_beta_esd    ? 
_cell.reciprocal_angle_gamma_esd   ? 
_cell.reciprocal_length_a          ? 
_cell.reciprocal_length_b          ? 
_cell.reciprocal_length_c          ? 
_cell.reciprocal_length_a_esd      ? 
_cell.reciprocal_length_b_esd      ? 
_cell.reciprocal_length_c_esd      ? 
_cell.pdbx_unique_axis             ? 
_cell.pdbx_esd_method              ? 
# 
_symmetry.entry_id                         7XP9 
_symmetry.cell_setting                     ? 
_symmetry.Int_Tables_number                179 
_symmetry.space_group_name_Hall            ? 
_symmetry.space_group_name_H-M             'P 65 2 2' 
_symmetry.pdbx_full_space_group_name_H-M   ? 
# 
_exptl.absorpt_coefficient_mu     ? 
_exptl.absorpt_correction_T_max   ? 
_exptl.absorpt_correction_T_min   ? 
_exptl.absorpt_correction_type    ? 
_exptl.absorpt_process_details    ? 
_exptl.entry_id                   7XP9 
_exptl.crystals_number            1 
_exptl.details                    ? 
_exptl.method                     'X-RAY DIFFRACTION' 
_exptl.method_details             ? 
# 
_exptl_crystal.colour                       ? 
_exptl_crystal.density_diffrn               ? 
_exptl_crystal.density_Matthews             2.56 
_exptl_crystal.density_method               ? 
_exptl_crystal.density_percent_sol          51.96 
_exptl_crystal.description                  ? 
_exptl_crystal.F_000                        ? 
_exptl_crystal.id                           1 
_exptl_crystal.preparation                  ? 
_exptl_crystal.size_max                     ? 
_exptl_crystal.size_mid                     ? 
_exptl_crystal.size_min                     ? 
_exptl_crystal.size_rad                     ? 
_exptl_crystal.colour_lustre                ? 
_exptl_crystal.colour_modifier              ? 
_exptl_crystal.colour_primary               ? 
_exptl_crystal.density_meas                 ? 
_exptl_crystal.density_meas_esd             ? 
_exptl_crystal.density_meas_gt              ? 
_exptl_crystal.density_meas_lt              ? 
_exptl_crystal.density_meas_temp            ? 
_exptl_crystal.density_meas_temp_esd        ? 
_exptl_crystal.density_meas_temp_gt         ? 
_exptl_crystal.density_meas_temp_lt         ? 
_exptl_crystal.pdbx_crystal_image_url       ? 
_exptl_crystal.pdbx_crystal_image_format    ? 
_exptl_crystal.pdbx_mosaicity               ? 
_exptl_crystal.pdbx_mosaicity_esd           ? 
_exptl_crystal.pdbx_mosaic_method           ? 
_exptl_crystal.pdbx_mosaic_block_size       ? 
_exptl_crystal.pdbx_mosaic_block_size_esd   ? 
# 
_exptl_crystal_grow.apparatus       ? 
_exptl_crystal_grow.atmosphere      ? 
_exptl_crystal_grow.crystal_id      1 
_exptl_crystal_grow.details         ? 
_exptl_crystal_grow.method          'VAPOR DIFFUSION, HANGING DROP' 
_exptl_crystal_grow.method_ref      ? 
_exptl_crystal_grow.pH              5.5 
_exptl_crystal_grow.pressure        ? 
_exptl_crystal_grow.pressure_esd    ? 
_exptl_crystal_grow.seeding         ? 
_exptl_crystal_grow.seeding_ref     ? 
_exptl_crystal_grow.temp            277.15 
_exptl_crystal_grow.temp_details    ? 
_exptl_crystal_grow.temp_esd        ? 
_exptl_crystal_grow.time            ? 
_exptl_crystal_grow.pdbx_details    '25% w/v Polyethylene glycol 3,350, 0.1 M Bis-Tris pH 5.5 and 0.2 M Li2SO4' 
_exptl_crystal_grow.pdbx_pH_range   ? 
# 
_diffrn.ambient_environment              ? 
_diffrn.ambient_temp                     100 
_diffrn.ambient_temp_details             ? 
_diffrn.ambient_temp_esd                 ? 
_diffrn.crystal_id                       1 
_diffrn.crystal_support                  ? 
_diffrn.crystal_treatment                ? 
_diffrn.details                          ? 
_diffrn.id                               1 
_diffrn.ambient_pressure                 ? 
_diffrn.ambient_pressure_esd             ? 
_diffrn.ambient_pressure_gt              ? 
_diffrn.ambient_pressure_lt              ? 
_diffrn.ambient_temp_gt                  ? 
_diffrn.ambient_temp_lt                  ? 
_diffrn.pdbx_serial_crystal_experiment   Y 
# 
_diffrn_detector.details                      ? 
_diffrn_detector.detector                     CCD 
_diffrn_detector.diffrn_id                    1 
_diffrn_detector.type                         'ADSC QUANTUM 315r' 
_diffrn_detector.area_resol_mean              ? 
_diffrn_detector.dtime                        ? 
_diffrn_detector.pdbx_frames_total            ? 
_diffrn_detector.pdbx_collection_time_total   ? 
_diffrn_detector.pdbx_collection_date         2016-12-17 
_diffrn_detector.pdbx_frequency               ? 
# 
_diffrn_radiation.collimation                      ? 
_diffrn_radiation.diffrn_id                        1 
_diffrn_radiation.filter_edge                      ? 
_diffrn_radiation.inhomogeneity                    ? 
_diffrn_radiation.monochromator                    ? 
_diffrn_radiation.polarisn_norm                    ? 
_diffrn_radiation.polarisn_ratio                   ? 
_diffrn_radiation.probe                            ? 
_diffrn_radiation.type                             ? 
_diffrn_radiation.xray_symbol                      ? 
_diffrn_radiation.wavelength_id                    1 
_diffrn_radiation.pdbx_monochromatic_or_laue_m_l   M 
_diffrn_radiation.pdbx_wavelength_list             ? 
_diffrn_radiation.pdbx_wavelength                  ? 
_diffrn_radiation.pdbx_diffrn_protocol             'SINGLE WAVELENGTH' 
_diffrn_radiation.pdbx_analyzer                    ? 
_diffrn_radiation.pdbx_scattering_type             x-ray 
# 
_diffrn_radiation_wavelength.id           1 
_diffrn_radiation_wavelength.wavelength   0.9791 
_diffrn_radiation_wavelength.wt           1.0 
# 
_diffrn_source.current                     ? 
_diffrn_source.details                     ? 
_diffrn_source.diffrn_id                   1 
_diffrn_source.power                       ? 
_diffrn_source.size                        ? 
_diffrn_source.source                      SYNCHROTRON 
_diffrn_source.target                      ? 
_diffrn_source.type                        'SSRF BEAMLINE BL17U' 
_diffrn_source.voltage                     ? 
_diffrn_source.take-off_angle              ? 
_diffrn_source.pdbx_wavelength_list        0.9791 
_diffrn_source.pdbx_wavelength             ? 
_diffrn_source.pdbx_synchrotron_beamline   BL17U 
_diffrn_source.pdbx_synchrotron_site       SSRF 
# 
_reflns.B_iso_Wilson_estimate                          27.460 
_reflns.entry_id                                       7XP9 
_reflns.data_reduction_details                         ? 
_reflns.data_reduction_method                          ? 
_reflns.d_resolution_high                              1.930 
_reflns.d_resolution_low                               50.000 
_reflns.details                                        ? 
_reflns.limit_h_max                                    ? 
_reflns.limit_h_min                                    ? 
_reflns.limit_k_max                                    ? 
_reflns.limit_k_min                                    ? 
_reflns.limit_l_max                                    ? 
_reflns.limit_l_min                                    ? 
_reflns.number_all                                     ? 
_reflns.number_obs                                     14032 
_reflns.observed_criterion                             ? 
_reflns.observed_criterion_F_max                       ? 
_reflns.observed_criterion_F_min                       ? 
_reflns.observed_criterion_I_max                       ? 
_reflns.observed_criterion_I_min                       ? 
_reflns.observed_criterion_sigma_F                     ? 
_reflns.observed_criterion_sigma_I                     ? 
_reflns.percent_possible_obs                           96.900 
_reflns.R_free_details                                 ? 
_reflns.Rmerge_F_all                                   ? 
_reflns.Rmerge_F_obs                                   ? 
_reflns.Friedel_coverage                               ? 
_reflns.number_gt                                      ? 
_reflns.threshold_expression                           ? 
_reflns.pdbx_redundancy                                40.200 
_reflns.pdbx_Rmerge_I_obs                              0.058 
_reflns.pdbx_Rmerge_I_all                              ? 
_reflns.pdbx_Rsym_value                                ? 
_reflns.pdbx_netI_over_av_sigmaI                       ? 
_reflns.pdbx_netI_over_sigmaI                          23.600 
_reflns.pdbx_res_netI_over_av_sigmaI_2                 ? 
_reflns.pdbx_res_netI_over_sigmaI_2                    ? 
_reflns.pdbx_chi_squared                               2.945 
_reflns.pdbx_scaling_rejects                           ? 
_reflns.pdbx_d_res_high_opt                            ? 
_reflns.pdbx_d_res_low_opt                             ? 
_reflns.pdbx_d_res_opt_method                          ? 
_reflns.phase_calculation_details                      ? 
_reflns.pdbx_Rrim_I_all                                0.059 
_reflns.pdbx_Rpim_I_all                                0.010 
_reflns.pdbx_d_opt                                     ? 
_reflns.pdbx_number_measured_all                       ? 
_reflns.pdbx_diffrn_id                                 1 
_reflns.pdbx_ordinal                                   1 
_reflns.pdbx_CC_half                                   ? 
_reflns.pdbx_CC_star                                   ? 
_reflns.pdbx_R_split                                   ? 
_reflns.pdbx_aniso_diffraction_limit_axis_1_ortho[1]   ? 
_reflns.pdbx_aniso_diffraction_limit_axis_1_ortho[2]   ? 
_reflns.pdbx_aniso_diffraction_limit_axis_1_ortho[3]   ? 
_reflns.pdbx_aniso_diffraction_limit_axis_2_ortho[1]   ? 
_reflns.pdbx_aniso_diffraction_limit_axis_2_ortho[2]   ? 
_reflns.pdbx_aniso_diffraction_limit_axis_2_ortho[3]   ? 
_reflns.pdbx_aniso_diffraction_limit_axis_3_ortho[1]   ? 
_reflns.pdbx_aniso_diffraction_limit_axis_3_ortho[2]   ? 
_reflns.pdbx_aniso_diffraction_limit_axis_3_ortho[3]   ? 
_reflns.pdbx_aniso_diffraction_limit_1                 ? 
_reflns.pdbx_aniso_diffraction_limit_2                 ? 
_reflns.pdbx_aniso_diffraction_limit_3                 ? 
_reflns.pdbx_aniso_B_tensor_eigenvector_1_ortho[1]     ? 
_reflns.pdbx_aniso_B_tensor_eigenvector_1_ortho[2]     ? 
_reflns.pdbx_aniso_B_tensor_eigenvector_1_ortho[3]     ? 
_reflns.pdbx_aniso_B_tensor_eigenvector_2_ortho[1]     ? 
_reflns.pdbx_aniso_B_tensor_eigenvector_2_ortho[2]     ? 
_reflns.pdbx_aniso_B_tensor_eigenvector_2_ortho[3]     ? 
_reflns.pdbx_aniso_B_tensor_eigenvector_3_ortho[1]     ? 
_reflns.pdbx_aniso_B_tensor_eigenvector_3_ortho[2]     ? 
_reflns.pdbx_aniso_B_tensor_eigenvector_3_ortho[3]     ? 
_reflns.pdbx_aniso_B_tensor_eigenvalue_1               ? 
_reflns.pdbx_aniso_B_tensor_eigenvalue_2               ? 
_reflns.pdbx_aniso_B_tensor_eigenvalue_3               ? 
_reflns.pdbx_orthogonalization_convention              ? 
_reflns.pdbx_percent_possible_ellipsoidal              ? 
_reflns.pdbx_percent_possible_spherical                ? 
_reflns.pdbx_percent_possible_ellipsoidal_anomalous    ? 
_reflns.pdbx_percent_possible_spherical_anomalous      ? 
_reflns.pdbx_redundancy_anomalous                      ? 
_reflns.pdbx_CC_half_anomalous                         ? 
_reflns.pdbx_absDiff_over_sigma_anomalous              ? 
_reflns.pdbx_percent_possible_anomalous                ? 
_reflns.pdbx_observed_signal_threshold                 ? 
_reflns.pdbx_signal_type                               ? 
_reflns.pdbx_signal_details                            ? 
_reflns.pdbx_signal_software_id                        ? 
_reflns.pdbx_CC_split_method                           ? 
# 
loop_
_reflns_shell.d_res_high 
_reflns_shell.d_res_low 
_reflns_shell.meanI_over_sigI_all 
_reflns_shell.meanI_over_sigI_obs 
_reflns_shell.number_measured_all 
_reflns_shell.number_measured_obs 
_reflns_shell.number_possible 
_reflns_shell.number_unique_all 
_reflns_shell.number_unique_obs 
_reflns_shell.percent_possible_all 
_reflns_shell.percent_possible_obs 
_reflns_shell.Rmerge_F_all 
_reflns_shell.Rmerge_F_obs 
_reflns_shell.Rmerge_I_all 
_reflns_shell.Rmerge_I_obs 
_reflns_shell.meanI_over_sigI_gt 
_reflns_shell.meanI_over_uI_all 
_reflns_shell.meanI_over_uI_gt 
_reflns_shell.number_measured_gt 
_reflns_shell.number_unique_gt 
_reflns_shell.percent_possible_gt 
_reflns_shell.Rmerge_F_gt 
_reflns_shell.Rmerge_I_gt 
_reflns_shell.pdbx_redundancy 
_reflns_shell.pdbx_Rsym_value 
_reflns_shell.pdbx_chi_squared 
_reflns_shell.pdbx_netI_over_sigmaI_all 
_reflns_shell.pdbx_netI_over_sigmaI_obs 
_reflns_shell.pdbx_Rrim_I_all 
_reflns_shell.pdbx_Rpim_I_all 
_reflns_shell.pdbx_rejects 
_reflns_shell.pdbx_ordinal 
_reflns_shell.pdbx_diffrn_id 
_reflns_shell.pdbx_CC_half 
_reflns_shell.pdbx_CC_star 
_reflns_shell.pdbx_R_split 
_reflns_shell.pdbx_percent_possible_ellipsoidal 
_reflns_shell.pdbx_percent_possible_spherical 
_reflns_shell.pdbx_percent_possible_ellipsoidal_anomalous 
_reflns_shell.pdbx_percent_possible_spherical_anomalous 
_reflns_shell.pdbx_redundancy_anomalous 
_reflns_shell.pdbx_CC_half_anomalous 
_reflns_shell.pdbx_absDiff_over_sigma_anomalous 
_reflns_shell.pdbx_percent_possible_anomalous 
1.930 1.960  ? ? ? ? ? ? 364 95.800 ? ? ? ? 0.165 ? ? ? ? ? ? ? ? 41.400 ? 1.877 ? ? 0.167 0.026 ? 1  1 0.997 ? ? ? ? ? ? ? ? ? ? 
1.960 2.000  ? ? ? ? ? ? 387 96.300 ? ? ? ? 0.143 ? ? ? ? ? ? ? ? 43.100 ? 2.057 ? ? 0.145 0.022 ? 2  1 0.998 ? ? ? ? ? ? ? ? ? ? 
2.000 2.040  ? ? ? ? ? ? 369 96.600 ? ? ? ? 0.130 ? ? ? ? ? ? ? ? 42.100 ? 2.298 ? ? 0.132 0.020 ? 3  1 0.998 ? ? ? ? ? ? ? ? ? ? 
2.040 2.080  ? ? ? ? ? ? 390 96.100 ? ? ? ? 0.118 ? ? ? ? ? ? ? ? 41.900 ? 2.433 ? ? 0.119 0.018 ? 4  1 0.999 ? ? ? ? ? ? ? ? ? ? 
2.080 2.120  ? ? ? ? ? ? 370 96.600 ? ? ? ? 0.105 ? ? ? ? ? ? ? ? 42.200 ? 2.528 ? ? 0.107 0.016 ? 5  1 0.999 ? ? ? ? ? ? ? ? ? ? 
2.120 2.170  ? ? ? ? ? ? 390 96.800 ? ? ? ? 0.100 ? ? ? ? ? ? ? ? 42.300 ? 2.624 ? ? 0.101 0.015 ? 6  1 0.999 ? ? ? ? ? ? ? ? ? ? 
2.170 2.230  ? ? ? ? ? ? 377 96.900 ? ? ? ? 0.091 ? ? ? ? ? ? ? ? 41.500 ? 2.748 ? ? 0.092 0.014 ? 7  1 0.999 ? ? ? ? ? ? ? ? ? ? 
2.230 2.290  ? ? ? ? ? ? 383 96.500 ? ? ? ? 0.083 ? ? ? ? ? ? ? ? 41.700 ? 2.810 ? ? 0.084 0.013 ? 8  1 0.999 ? ? ? ? ? ? ? ? ? ? 
2.290 2.360  ? ? ? ? ? ? 389 97.200 ? ? ? ? 0.078 ? ? ? ? ? ? ? ? 41.700 ? 2.812 ? ? 0.079 0.012 ? 9  1 0.999 ? ? ? ? ? ? ? ? ? ? 
2.360 2.430  ? ? ? ? ? ? 380 96.700 ? ? ? ? 0.076 ? ? ? ? ? ? ? ? 41.500 ? 2.831 ? ? 0.077 0.012 ? 10 1 0.999 ? ? ? ? ? ? ? ? ? ? 
2.430 2.520  ? ? ? ? ? ? 391 98.000 ? ? ? ? 0.072 ? ? ? ? ? ? ? ? 40.900 ? 3.017 ? ? 0.073 0.012 ? 11 1 0.999 ? ? ? ? ? ? ? ? ? ? 
2.520 2.620  ? ? ? ? ? ? 394 97.000 ? ? ? ? 0.070 ? ? ? ? ? ? ? ? 41.000 ? 2.940 ? ? 0.071 0.011 ? 12 1 0.999 ? ? ? ? ? ? ? ? ? ? 
2.620 2.740  ? ? ? ? ? ? 405 97.800 ? ? ? ? 0.066 ? ? ? ? ? ? ? ? 41.000 ? 3.017 ? ? 0.067 0.010 ? 13 1 0.999 ? ? ? ? ? ? ? ? ? ? 
2.740 2.880  ? ? ? ? ? ? 390 97.700 ? ? ? ? 0.062 ? ? ? ? ? ? ? ? 41.000 ? 3.249 ? ? 0.063 0.010 ? 14 1 1.000 ? ? ? ? ? ? ? ? ? ? 
2.880 3.060  ? ? ? ? ? ? 403 97.300 ? ? ? ? 0.057 ? ? ? ? ? ? ? ? 39.600 ? 3.372 ? ? 0.058 0.009 ? 15 1 1.000 ? ? ? ? ? ? ? ? ? ? 
3.060 3.300  ? ? ? ? ? ? 398 98.000 ? ? ? ? 0.055 ? ? ? ? ? ? ? ? 39.900 ? 3.347 ? ? 0.056 0.009 ? 16 1 1.000 ? ? ? ? ? ? ? ? ? ? 
3.300 3.630  ? ? ? ? ? ? 417 98.300 ? ? ? ? 0.054 ? ? ? ? ? ? ? ? 38.400 ? 3.697 ? ? 0.055 0.009 ? 17 1 0.999 ? ? ? ? ? ? ? ? ? ? 
3.630 4.160  ? ? ? ? ? ? 420 98.100 ? ? ? ? 0.052 ? ? ? ? ? ? ? ? 37.800 ? 3.733 ? ? 0.052 0.008 ? 18 1 0.999 ? ? ? ? ? ? ? ? ? ? 
4.160 5.240  ? ? ? ? ? ? 425 97.700 ? ? ? ? 0.048 ? ? ? ? ? ? ? ? 35.800 ? 3.518 ? ? 0.049 0.008 ? 19 1 1.000 ? ? ? ? ? ? ? ? ? ? 
5.240 50.000 ? ? ? ? ? ? 466 92.600 ? ? ? ? 0.050 ? ? ? ? ? ? ? ? 31.300 ? 4.112 ? ? 0.051 0.009 ? 20 1 0.999 ? ? ? ? ? ? ? ? ? ? 
# 
_refine.aniso_B[1][1]                            ? 
_refine.aniso_B[1][2]                            ? 
_refine.aniso_B[1][3]                            ? 
_refine.aniso_B[2][2]                            ? 
_refine.aniso_B[2][3]                            ? 
_refine.aniso_B[3][3]                            ? 
_refine.B_iso_max                                61.810 
_refine.B_iso_mean                               27.2077 
_refine.B_iso_min                                15.940 
_refine.correlation_coeff_Fo_to_Fc               ? 
_refine.correlation_coeff_Fo_to_Fc_free          ? 
_refine.details                                  ? 
_refine.diff_density_max                         ? 
_refine.diff_density_max_esd                     ? 
_refine.diff_density_min                         ? 
_refine.diff_density_min_esd                     ? 
_refine.diff_density_rms                         ? 
_refine.diff_density_rms_esd                     ? 
_refine.entry_id                                 7XP9 
_refine.pdbx_refine_id                           'X-RAY DIFFRACTION' 
_refine.ls_abs_structure_details                 ? 
_refine.ls_abs_structure_Flack                   ? 
_refine.ls_abs_structure_Flack_esd               ? 
_refine.ls_abs_structure_Rogers                  ? 
_refine.ls_abs_structure_Rogers_esd              ? 
_refine.ls_d_res_high                            1.9300 
_refine.ls_d_res_low                             36.4700 
_refine.ls_extinction_coef                       ? 
_refine.ls_extinction_coef_esd                   ? 
_refine.ls_extinction_expression                 ? 
_refine.ls_extinction_method                     ? 
_refine.ls_goodness_of_fit_all                   ? 
_refine.ls_goodness_of_fit_all_esd               ? 
_refine.ls_goodness_of_fit_obs                   ? 
_refine.ls_goodness_of_fit_obs_esd               ? 
_refine.ls_hydrogen_treatment                    ? 
_refine.ls_matrix_type                           ? 
_refine.ls_number_constraints                    ? 
_refine.ls_number_parameters                     ? 
_refine.ls_number_reflns_all                     ? 
_refine.ls_number_reflns_obs                     14032 
_refine.ls_number_reflns_R_free                  1407 
_refine.ls_number_reflns_R_work                  12625 
_refine.ls_number_restraints                     ? 
_refine.ls_percent_reflns_obs                    98.1800 
_refine.ls_percent_reflns_R_free                 10.0300 
_refine.ls_R_factor_all                          ? 
_refine.ls_R_factor_obs                          0.2263 
_refine.ls_R_factor_R_free                       0.2629 
_refine.ls_R_factor_R_free_error                 ? 
_refine.ls_R_factor_R_free_error_details         ? 
_refine.ls_R_factor_R_work                       0.2222 
_refine.ls_R_Fsqd_factor_obs                     ? 
_refine.ls_R_I_factor_obs                        ? 
_refine.ls_redundancy_reflns_all                 ? 
_refine.ls_redundancy_reflns_obs                 ? 
_refine.ls_restrained_S_all                      ? 
_refine.ls_restrained_S_obs                      ? 
_refine.ls_shift_over_esd_max                    ? 
_refine.ls_shift_over_esd_mean                   ? 
_refine.ls_structure_factor_coef                 ? 
_refine.ls_weighting_details                     ? 
_refine.ls_weighting_scheme                      ? 
_refine.ls_wR_factor_all                         ? 
_refine.ls_wR_factor_obs                         ? 
_refine.ls_wR_factor_R_free                      ? 
_refine.ls_wR_factor_R_work                      ? 
_refine.occupancy_max                            ? 
_refine.occupancy_min                            ? 
_refine.solvent_model_details                    'FLAT BULK SOLVENT MODEL' 
_refine.solvent_model_param_bsol                 ? 
_refine.solvent_model_param_ksol                 ? 
_refine.pdbx_R_complete                          ? 
_refine.ls_R_factor_gt                           ? 
_refine.ls_goodness_of_fit_gt                    ? 
_refine.ls_goodness_of_fit_ref                   ? 
_refine.ls_shift_over_su_max                     ? 
_refine.ls_shift_over_su_max_lt                  ? 
_refine.ls_shift_over_su_mean                    ? 
_refine.ls_shift_over_su_mean_lt                 ? 
_refine.pdbx_ls_sigma_I                          ? 
_refine.pdbx_ls_sigma_F                          1.400 
_refine.pdbx_ls_sigma_Fsqd                       ? 
_refine.pdbx_data_cutoff_high_absF               ? 
_refine.pdbx_data_cutoff_high_rms_absF           ? 
_refine.pdbx_data_cutoff_low_absF                ? 
_refine.pdbx_isotropic_thermal_model             ? 
_refine.pdbx_ls_cross_valid_method               THROUGHOUT 
_refine.pdbx_method_to_determine_struct          SAD 
_refine.pdbx_starting_model                      ? 
_refine.pdbx_stereochemistry_target_values       ML 
_refine.pdbx_R_Free_selection_details            ? 
_refine.pdbx_stereochem_target_val_spec_case     ? 
_refine.pdbx_overall_ESU_R                       ? 
_refine.pdbx_overall_ESU_R_Free                  ? 
_refine.pdbx_solvent_vdw_probe_radii             1.1000 
_refine.pdbx_solvent_ion_probe_radii             ? 
_refine.pdbx_solvent_shrinkage_radii             0.9000 
_refine.pdbx_real_space_R                        ? 
_refine.pdbx_density_correlation                 ? 
_refine.pdbx_pd_number_of_powder_patterns        ? 
_refine.pdbx_pd_number_of_points                 ? 
_refine.pdbx_pd_meas_number_of_points            ? 
_refine.pdbx_pd_proc_ls_prof_R_factor            ? 
_refine.pdbx_pd_proc_ls_prof_wR_factor           ? 
_refine.pdbx_pd_Marquardt_correlation_coeff      ? 
_refine.pdbx_pd_Fsqrd_R_factor                   ? 
_refine.pdbx_pd_ls_matrix_band_width             ? 
_refine.pdbx_overall_phase_error                 26.1600 
_refine.pdbx_overall_SU_R_free_Cruickshank_DPI   ? 
_refine.pdbx_overall_SU_R_free_Blow_DPI          ? 
_refine.pdbx_overall_SU_R_Blow_DPI               ? 
_refine.pdbx_TLS_residual_ADP_flag               ? 
_refine.pdbx_diffrn_id                           1 
_refine.overall_SU_B                             ? 
_refine.overall_SU_ML                            0.2100 
_refine.overall_SU_R_Cruickshank_DPI             ? 
_refine.overall_SU_R_free                        ? 
_refine.overall_FOM_free_R_set                   ? 
_refine.overall_FOM_work_R_set                   ? 
_refine.pdbx_average_fsc_overall                 ? 
_refine.pdbx_average_fsc_work                    ? 
_refine.pdbx_average_fsc_free                    ? 
# 
_refine_hist.pdbx_refine_id                   'X-RAY DIFFRACTION' 
_refine_hist.cycle_id                         final 
_refine_hist.details                          ? 
_refine_hist.d_res_high                       1.9300 
_refine_hist.d_res_low                        36.4700 
_refine_hist.number_atoms_solvent             50 
_refine_hist.number_atoms_total               663 
_refine_hist.number_reflns_all                ? 
_refine_hist.number_reflns_obs                ? 
_refine_hist.number_reflns_R_free             ? 
_refine_hist.number_reflns_R_work             ? 
_refine_hist.R_factor_all                     ? 
_refine_hist.R_factor_obs                     ? 
_refine_hist.R_factor_R_free                  ? 
_refine_hist.R_factor_R_work                  ? 
_refine_hist.pdbx_number_residues_total       76 
_refine_hist.pdbx_B_iso_mean_ligand           ? 
_refine_hist.pdbx_B_iso_mean_solvent          28.93 
_refine_hist.pdbx_number_atoms_protein        613 
_refine_hist.pdbx_number_atoms_nucleic_acid   0 
_refine_hist.pdbx_number_atoms_ligand         0 
_refine_hist.pdbx_number_atoms_lipid          ? 
_refine_hist.pdbx_number_atoms_carb           ? 
_refine_hist.pdbx_pseudo_atom_details         ? 
# 
loop_
_refine_ls_shell.pdbx_refine_id 
_refine_ls_shell.d_res_high 
_refine_ls_shell.d_res_low 
_refine_ls_shell.number_reflns_all 
_refine_ls_shell.number_reflns_obs 
_refine_ls_shell.number_reflns_R_free 
_refine_ls_shell.number_reflns_R_work 
_refine_ls_shell.percent_reflns_obs 
_refine_ls_shell.percent_reflns_R_free 
_refine_ls_shell.R_factor_all 
_refine_ls_shell.R_factor_obs 
_refine_ls_shell.R_factor_R_free 
_refine_ls_shell.R_factor_R_free_error 
_refine_ls_shell.R_factor_R_work 
_refine_ls_shell.redundancy_reflns_all 
_refine_ls_shell.redundancy_reflns_obs 
_refine_ls_shell.wR_factor_all 
_refine_ls_shell.wR_factor_obs 
_refine_ls_shell.wR_factor_R_free 
_refine_ls_shell.wR_factor_R_work 
_refine_ls_shell.pdbx_R_complete 
_refine_ls_shell.pdbx_total_number_of_bins_used 
_refine_ls_shell.pdbx_phase_error 
_refine_ls_shell.pdbx_fsc_work 
_refine_ls_shell.pdbx_fsc_free 
'X-RAY DIFFRACTION' 1.9300 2.0000  1391 . 143 1248 97.0000 . . . 0.3222 0.0000 0.2597 . . . . . . . 10 . . . 
'X-RAY DIFFRACTION' 2.0000 2.0800  1389 . 135 1254 97.0000 . . . 0.2881 0.0000 0.2256 . . . . . . . 10 . . . 
'X-RAY DIFFRACTION' 2.0800 2.1700  1396 . 142 1254 98.0000 . . . 0.2396 0.0000 0.2217 . . . . . . . 10 . . . 
'X-RAY DIFFRACTION' 2.1700 2.2900  1387 . 142 1245 98.0000 . . . 0.2485 0.0000 0.2318 . . . . . . . 10 . . . 
'X-RAY DIFFRACTION' 2.2900 2.4300  1395 . 134 1261 98.0000 . . . 0.2696 0.0000 0.2308 . . . . . . . 10 . . . 
'X-RAY DIFFRACTION' 2.4300 2.6200  1413 . 142 1271 99.0000 . . . 0.3445 0.0000 0.2526 . . . . . . . 10 . . . 
'X-RAY DIFFRACTION' 2.6200 2.8800  1418 . 148 1270 99.0000 . . . 0.3084 0.0000 0.2567 . . . . . . . 10 . . . 
'X-RAY DIFFRACTION' 2.8800 3.3000  1412 . 136 1276 99.0000 . . . 0.2764 0.0000 0.2193 . . . . . . . 10 . . . 
'X-RAY DIFFRACTION' 3.3000 4.1500  1431 . 147 1284 99.0000 . . . 0.2102 0.0000 0.1956 . . . . . . . 10 . . . 
'X-RAY DIFFRACTION' 4.1600 36.4700 1400 . 138 1262 98.0000 . . . 0.2507 0.0000 0.2100 . . . . . . . 10 . . . 
# 
_struct.entry_id                     7XP9 
_struct.title                        'Phytophthora infesfans RxLR effector AVRvnt1' 
_struct.pdbx_model_details           ? 
_struct.pdbx_formula_weight          ? 
_struct.pdbx_formula_weight_method   ? 
_struct.pdbx_model_type_details      ? 
_struct.pdbx_CASP_flag               N 
# 
_struct_keywords.entry_id        7XP9 
_struct_keywords.text            'RxLR effector, triggered plant immunity response, IMMUNE SYSTEM' 
_struct_keywords.pdbx_keywords   'IMMUNE SYSTEM' 
# 
loop_
_struct_asym.id 
_struct_asym.pdbx_blank_PDB_chainid_flag 
_struct_asym.pdbx_modified 
_struct_asym.entity_id 
_struct_asym.details 
A N N 1 ? 
B N N 2 ? 
# 
_struct_ref.id                         1 
_struct_ref.db_name                    UNP 
_struct_ref.db_code                    AVNT1_PHYIT 
_struct_ref.pdbx_db_accession          D0NTY1 
_struct_ref.pdbx_db_isoform            ? 
_struct_ref.entity_id                  1 
_struct_ref.pdbx_seq_one_letter_code   
;STQNLGNSLMRVFSKEATRKYYLDLFKRADFTANLPKLAKKGGPDRLNDALKKLRKAGISEEKFAELKGAAAKYADDWYR
IYGK
;
_struct_ref.pdbx_align_begin           64 
# 
_struct_ref_seq.align_id                      1 
_struct_ref_seq.ref_id                        1 
_struct_ref_seq.pdbx_PDB_id_code              7XP9 
_struct_ref_seq.pdbx_strand_id                A 
_struct_ref_seq.seq_align_beg                 1 
_struct_ref_seq.pdbx_seq_align_beg_ins_code   ? 
_struct_ref_seq.seq_align_end                 84 
_struct_ref_seq.pdbx_seq_align_end_ins_code   ? 
_struct_ref_seq.pdbx_db_accession             D0NTY1 
_struct_ref_seq.db_align_beg                  64 
_struct_ref_seq.pdbx_db_align_beg_ins_code    ? 
_struct_ref_seq.db_align_end                  147 
_struct_ref_seq.pdbx_db_align_end_ins_code    ? 
_struct_ref_seq.pdbx_auth_seq_align_beg       64 
_struct_ref_seq.pdbx_auth_seq_align_end       147 
# 
_pdbx_struct_assembly.id                   1 
_pdbx_struct_assembly.details              author_defined_assembly 
_pdbx_struct_assembly.method_details       ? 
_pdbx_struct_assembly.oligomeric_details   monomeric 
_pdbx_struct_assembly.oligomeric_count     1 
# 
loop_
_pdbx_struct_assembly_prop.biol_id 
_pdbx_struct_assembly_prop.type 
_pdbx_struct_assembly_prop.value 
_pdbx_struct_assembly_prop.details 
1 'ABSA (A^2)' 0    ? 
1 MORE         0    ? 
1 'SSA (A^2)'  5400 ? 
# 
_pdbx_struct_assembly_gen.assembly_id       1 
_pdbx_struct_assembly_gen.oper_expression   1 
_pdbx_struct_assembly_gen.asym_id_list      A,B 
# 
_pdbx_struct_assembly_auth_evidence.id                     1 
_pdbx_struct_assembly_auth_evidence.assembly_id            1 
_pdbx_struct_assembly_auth_evidence.experimental_support   'gel filtration' 
_pdbx_struct_assembly_auth_evidence.details                ? 
# 
_pdbx_struct_oper_list.id                   1 
_pdbx_struct_oper_list.type                 'identity operation' 
_pdbx_struct_oper_list.name                 1_555 
_pdbx_struct_oper_list.symmetry_operation   x,y,z 
_pdbx_struct_oper_list.matrix[1][1]         1.0000000000 
_pdbx_struct_oper_list.matrix[1][2]         0.0000000000 
_pdbx_struct_oper_list.matrix[1][3]         0.0000000000 
_pdbx_struct_oper_list.vector[1]            0.0000000000 
_pdbx_struct_oper_list.matrix[2][1]         0.0000000000 
_pdbx_struct_oper_list.matrix[2][2]         1.0000000000 
_pdbx_struct_oper_list.matrix[2][3]         0.0000000000 
_pdbx_struct_oper_list.vector[2]            0.0000000000 
_pdbx_struct_oper_list.matrix[3][1]         0.0000000000 
_pdbx_struct_oper_list.matrix[3][2]         0.0000000000 
_pdbx_struct_oper_list.matrix[3][3]         1.0000000000 
_pdbx_struct_oper_list.vector[3]            0.0000000000 
# 
loop_
_struct_conf.conf_type_id 
_struct_conf.id 
_struct_conf.pdbx_PDB_helix_id 
_struct_conf.beg_label_comp_id 
_struct_conf.beg_label_asym_id 
_struct_conf.beg_label_seq_id 
_struct_conf.pdbx_beg_PDB_ins_code 
_struct_conf.end_label_comp_id 
_struct_conf.end_label_asym_id 
_struct_conf.end_label_seq_id 
_struct_conf.pdbx_end_PDB_ins_code 
_struct_conf.beg_auth_comp_id 
_struct_conf.beg_auth_asym_id 
_struct_conf.beg_auth_seq_id 
_struct_conf.end_auth_comp_id 
_struct_conf.end_auth_asym_id 
_struct_conf.end_auth_seq_id 
_struct_conf.pdbx_PDB_helix_class 
_struct_conf.details 
_struct_conf.pdbx_PDB_helix_length 
HELX_P HELX_P1 AA1 LEU A 9  ? PHE A 31 ? LEU A 72  PHE A 94  1 ? 23 
HELX_P HELX_P2 AA2 ASN A 34 ? LYS A 40 ? ASN A 97  LYS A 103 1 ? 7  
HELX_P HELX_P3 AA3 ASP A 45 ? GLY A 58 ? ASP A 108 GLY A 121 1 ? 14 
HELX_P HELX_P4 AA4 SER A 60 ? GLY A 83 ? SER A 123 GLY A 146 1 ? 24 
# 
_struct_conf_type.id          HELX_P 
_struct_conf_type.criteria    ? 
_struct_conf_type.reference   ? 
# 
loop_
_pdbx_unobs_or_zero_occ_residues.id 
_pdbx_unobs_or_zero_occ_residues.PDB_model_num 
_pdbx_unobs_or_zero_occ_residues.polymer_flag 
_pdbx_unobs_or_zero_occ_residues.occupancy_flag 
_pdbx_unobs_or_zero_occ_residues.auth_asym_id 
_pdbx_unobs_or_zero_occ_residues.auth_comp_id 
_pdbx_unobs_or_zero_occ_residues.auth_seq_id 
_pdbx_unobs_or_zero_occ_residues.PDB_ins_code 
_pdbx_unobs_or_zero_occ_residues.label_asym_id 
_pdbx_unobs_or_zero_occ_residues.label_comp_id 
_pdbx_unobs_or_zero_occ_residues.label_seq_id 
1 1 Y 1 A SER 64 ? A SER 1 
2 1 Y 1 A THR 65 ? A THR 2 
3 1 Y 1 A GLN 66 ? A GLN 3 
4 1 Y 1 A ASN 67 ? A ASN 4 
5 1 Y 1 A LEU 68 ? A LEU 5 
6 1 Y 1 A GLY 69 ? A GLY 6 
7 1 Y 1 A ASN 70 ? A ASN 7 
8 1 Y 1 A SER 71 ? A SER 8 
# 
loop_
_chem_comp_atom.comp_id 
_chem_comp_atom.atom_id 
_chem_comp_atom.type_symbol 
_chem_comp_atom.pdbx_aromatic_flag 
_chem_comp_atom.pdbx_stereo_config 
_chem_comp_atom.pdbx_ordinal 
ALA N    N N N 1   
ALA CA   C N S 2   
ALA C    C N N 3   
ALA O    O N N 4   
ALA CB   C N N 5   
ALA OXT  O N N 6   
ALA H    H N N 7   
ALA H2   H N N 8   
ALA HA   H N N 9   
ALA HB1  H N N 10  
ALA HB2  H N N 11  
ALA HB3  H N N 12  
ALA HXT  H N N 13  
ARG N    N N N 14  
ARG CA   C N S 15  
ARG C    C N N 16  
ARG O    O N N 17  
ARG CB   C N N 18  
ARG CG   C N N 19  
ARG CD   C N N 20  
ARG NE   N N N 21  
ARG CZ   C N N 22  
ARG NH1  N N N 23  
ARG NH2  N N N 24  
ARG OXT  O N N 25  
ARG H    H N N 26  
ARG H2   H N N 27  
ARG HA   H N N 28  
ARG HB2  H N N 29  
ARG HB3  H N N 30  
ARG HG2  H N N 31  
ARG HG3  H N N 32  
ARG HD2  H N N 33  
ARG HD3  H N N 34  
ARG HE   H N N 35  
ARG HH11 H N N 36  
ARG HH12 H N N 37  
ARG HH21 H N N 38  
ARG HH22 H N N 39  
ARG HXT  H N N 40  
ASN N    N N N 41  
ASN CA   C N S 42  
ASN C    C N N 43  
ASN O    O N N 44  
ASN CB   C N N 45  
ASN CG   C N N 46  
ASN OD1  O N N 47  
ASN ND2  N N N 48  
ASN OXT  O N N 49  
ASN H    H N N 50  
ASN H2   H N N 51  
ASN HA   H N N 52  
ASN HB2  H N N 53  
ASN HB3  H N N 54  
ASN HD21 H N N 55  
ASN HD22 H N N 56  
ASN HXT  H N N 57  
ASP N    N N N 58  
ASP CA   C N S 59  
ASP C    C N N 60  
ASP O    O N N 61  
ASP CB   C N N 62  
ASP CG   C N N 63  
ASP OD1  O N N 64  
ASP OD2  O N N 65  
ASP OXT  O N N 66  
ASP H    H N N 67  
ASP H2   H N N 68  
ASP HA   H N N 69  
ASP HB2  H N N 70  
ASP HB3  H N N 71  
ASP HD2  H N N 72  
ASP HXT  H N N 73  
GLN N    N N N 74  
GLN CA   C N S 75  
GLN C    C N N 76  
GLN O    O N N 77  
GLN CB   C N N 78  
GLN CG   C N N 79  
GLN CD   C N N 80  
GLN OE1  O N N 81  
GLN NE2  N N N 82  
GLN OXT  O N N 83  
GLN H    H N N 84  
GLN H2   H N N 85  
GLN HA   H N N 86  
GLN HB2  H N N 87  
GLN HB3  H N N 88  
GLN HG2  H N N 89  
GLN HG3  H N N 90  
GLN HE21 H N N 91  
GLN HE22 H N N 92  
GLN HXT  H N N 93  
GLU N    N N N 94  
GLU CA   C N S 95  
GLU C    C N N 96  
GLU O    O N N 97  
GLU CB   C N N 98  
GLU CG   C N N 99  
GLU CD   C N N 100 
GLU OE1  O N N 101 
GLU OE2  O N N 102 
GLU OXT  O N N 103 
GLU H    H N N 104 
GLU H2   H N N 105 
GLU HA   H N N 106 
GLU HB2  H N N 107 
GLU HB3  H N N 108 
GLU HG2  H N N 109 
GLU HG3  H N N 110 
GLU HE2  H N N 111 
GLU HXT  H N N 112 
GLY N    N N N 113 
GLY CA   C N N 114 
GLY C    C N N 115 
GLY O    O N N 116 
GLY OXT  O N N 117 
GLY H    H N N 118 
GLY H2   H N N 119 
GLY HA2  H N N 120 
GLY HA3  H N N 121 
GLY HXT  H N N 122 
HOH O    O N N 123 
HOH H1   H N N 124 
HOH H2   H N N 125 
ILE N    N N N 126 
ILE CA   C N S 127 
ILE C    C N N 128 
ILE O    O N N 129 
ILE CB   C N S 130 
ILE CG1  C N N 131 
ILE CG2  C N N 132 
ILE CD1  C N N 133 
ILE OXT  O N N 134 
ILE H    H N N 135 
ILE H2   H N N 136 
ILE HA   H N N 137 
ILE HB   H N N 138 
ILE HG12 H N N 139 
ILE HG13 H N N 140 
ILE HG21 H N N 141 
ILE HG22 H N N 142 
ILE HG23 H N N 143 
ILE HD11 H N N 144 
ILE HD12 H N N 145 
ILE HD13 H N N 146 
ILE HXT  H N N 147 
LEU N    N N N 148 
LEU CA   C N S 149 
LEU C    C N N 150 
LEU O    O N N 151 
LEU CB   C N N 152 
LEU CG   C N N 153 
LEU CD1  C N N 154 
LEU CD2  C N N 155 
LEU OXT  O N N 156 
LEU H    H N N 157 
LEU H2   H N N 158 
LEU HA   H N N 159 
LEU HB2  H N N 160 
LEU HB3  H N N 161 
LEU HG   H N N 162 
LEU HD11 H N N 163 
LEU HD12 H N N 164 
LEU HD13 H N N 165 
LEU HD21 H N N 166 
LEU HD22 H N N 167 
LEU HD23 H N N 168 
LEU HXT  H N N 169 
LYS N    N N N 170 
LYS CA   C N S 171 
LYS C    C N N 172 
LYS O    O N N 173 
LYS CB   C N N 174 
LYS CG   C N N 175 
LYS CD   C N N 176 
LYS CE   C N N 177 
LYS NZ   N N N 178 
LYS OXT  O N N 179 
LYS H    H N N 180 
LYS H2   H N N 181 
LYS HA   H N N 182 
LYS HB2  H N N 183 
LYS HB3  H N N 184 
LYS HG2  H N N 185 
LYS HG3  H N N 186 
LYS HD2  H N N 187 
LYS HD3  H N N 188 
LYS HE2  H N N 189 
LYS HE3  H N N 190 
LYS HZ1  H N N 191 
LYS HZ2  H N N 192 
LYS HZ3  H N N 193 
LYS HXT  H N N 194 
MET N    N N N 195 
MET CA   C N S 196 
MET C    C N N 197 
MET O    O N N 198 
MET CB   C N N 199 
MET CG   C N N 200 
MET SD   S N N 201 
MET CE   C N N 202 
MET OXT  O N N 203 
MET H    H N N 204 
MET H2   H N N 205 
MET HA   H N N 206 
MET HB2  H N N 207 
MET HB3  H N N 208 
MET HG2  H N N 209 
MET HG3  H N N 210 
MET HE1  H N N 211 
MET HE2  H N N 212 
MET HE3  H N N 213 
MET HXT  H N N 214 
PHE N    N N N 215 
PHE CA   C N S 216 
PHE C    C N N 217 
PHE O    O N N 218 
PHE CB   C N N 219 
PHE CG   C Y N 220 
PHE CD1  C Y N 221 
PHE CD2  C Y N 222 
PHE CE1  C Y N 223 
PHE CE2  C Y N 224 
PHE CZ   C Y N 225 
PHE OXT  O N N 226 
PHE H    H N N 227 
PHE H2   H N N 228 
PHE HA   H N N 229 
PHE HB2  H N N 230 
PHE HB3  H N N 231 
PHE HD1  H N N 232 
PHE HD2  H N N 233 
PHE HE1  H N N 234 
PHE HE2  H N N 235 
PHE HZ   H N N 236 
PHE HXT  H N N 237 
PRO N    N N N 238 
PRO CA   C N S 239 
PRO C    C N N 240 
PRO O    O N N 241 
PRO CB   C N N 242 
PRO CG   C N N 243 
PRO CD   C N N 244 
PRO OXT  O N N 245 
PRO H    H N N 246 
PRO HA   H N N 247 
PRO HB2  H N N 248 
PRO HB3  H N N 249 
PRO HG2  H N N 250 
PRO HG3  H N N 251 
PRO HD2  H N N 252 
PRO HD3  H N N 253 
PRO HXT  H N N 254 
SER N    N N N 255 
SER CA   C N S 256 
SER C    C N N 257 
SER O    O N N 258 
SER CB   C N N 259 
SER OG   O N N 260 
SER OXT  O N N 261 
SER H    H N N 262 
SER H2   H N N 263 
SER HA   H N N 264 
SER HB2  H N N 265 
SER HB3  H N N 266 
SER HG   H N N 267 
SER HXT  H N N 268 
THR N    N N N 269 
THR CA   C N S 270 
THR C    C N N 271 
THR O    O N N 272 
THR CB   C N R 273 
THR OG1  O N N 274 
THR CG2  C N N 275 
THR OXT  O N N 276 
THR H    H N N 277 
THR H2   H N N 278 
THR HA   H N N 279 
THR HB   H N N 280 
THR HG1  H N N 281 
THR HG21 H N N 282 
THR HG22 H N N 283 
THR HG23 H N N 284 
THR HXT  H N N 285 
TRP N    N N N 286 
TRP CA   C N S 287 
TRP C    C N N 288 
TRP O    O N N 289 
TRP CB   C N N 290 
TRP CG   C Y N 291 
TRP CD1  C Y N 292 
TRP CD2  C Y N 293 
TRP NE1  N Y N 294 
TRP CE2  C Y N 295 
TRP CE3  C Y N 296 
TRP CZ2  C Y N 297 
TRP CZ3  C Y N 298 
TRP CH2  C Y N 299 
TRP OXT  O N N 300 
TRP H    H N N 301 
TRP H2   H N N 302 
TRP HA   H N N 303 
TRP HB2  H N N 304 
TRP HB3  H N N 305 
TRP HD1  H N N 306 
TRP HE1  H N N 307 
TRP HE3  H N N 308 
TRP HZ2  H N N 309 
TRP HZ3  H N N 310 
TRP HH2  H N N 311 
TRP HXT  H N N 312 
TYR N    N N N 313 
TYR CA   C N S 314 
TYR C    C N N 315 
TYR O    O N N 316 
TYR CB   C N N 317 
TYR CG   C Y N 318 
TYR CD1  C Y N 319 
TYR CD2  C Y N 320 
TYR CE1  C Y N 321 
TYR CE2  C Y N 322 
TYR CZ   C Y N 323 
TYR OH   O N N 324 
TYR OXT  O N N 325 
TYR H    H N N 326 
TYR H2   H N N 327 
TYR HA   H N N 328 
TYR HB2  H N N 329 
TYR HB3  H N N 330 
TYR HD1  H N N 331 
TYR HD2  H N N 332 
TYR HE1  H N N 333 
TYR HE2  H N N 334 
TYR HH   H N N 335 
TYR HXT  H N N 336 
VAL N    N N N 337 
VAL CA   C N S 338 
VAL C    C N N 339 
VAL O    O N N 340 
VAL CB   C N N 341 
VAL CG1  C N N 342 
VAL CG2  C N N 343 
VAL OXT  O N N 344 
VAL H    H N N 345 
VAL H2   H N N 346 
VAL HA   H N N 347 
VAL HB   H N N 348 
VAL HG11 H N N 349 
VAL HG12 H N N 350 
VAL HG13 H N N 351 
VAL HG21 H N N 352 
VAL HG22 H N N 353 
VAL HG23 H N N 354 
VAL HXT  H N N 355 
# 
loop_
_chem_comp_bond.comp_id 
_chem_comp_bond.atom_id_1 
_chem_comp_bond.atom_id_2 
_chem_comp_bond.value_order 
_chem_comp_bond.pdbx_aromatic_flag 
_chem_comp_bond.pdbx_stereo_config 
_chem_comp_bond.pdbx_ordinal 
ALA N   CA   sing N N 1   
ALA N   H    sing N N 2   
ALA N   H2   sing N N 3   
ALA CA  C    sing N N 4   
ALA CA  CB   sing N N 5   
ALA CA  HA   sing N N 6   
ALA C   O    doub N N 7   
ALA C   OXT  sing N N 8   
ALA CB  HB1  sing N N 9   
ALA CB  HB2  sing N N 10  
ALA CB  HB3  sing N N 11  
ALA OXT HXT  sing N N 12  
ARG N   CA   sing N N 13  
ARG N   H    sing N N 14  
ARG N   H2   sing N N 15  
ARG CA  C    sing N N 16  
ARG CA  CB   sing N N 17  
ARG CA  HA   sing N N 18  
ARG C   O    doub N N 19  
ARG C   OXT  sing N N 20  
ARG CB  CG   sing N N 21  
ARG CB  HB2  sing N N 22  
ARG CB  HB3  sing N N 23  
ARG CG  CD   sing N N 24  
ARG CG  HG2  sing N N 25  
ARG CG  HG3  sing N N 26  
ARG CD  NE   sing N N 27  
ARG CD  HD2  sing N N 28  
ARG CD  HD3  sing N N 29  
ARG NE  CZ   sing N N 30  
ARG NE  HE   sing N N 31  
ARG CZ  NH1  sing N N 32  
ARG CZ  NH2  doub N N 33  
ARG NH1 HH11 sing N N 34  
ARG NH1 HH12 sing N N 35  
ARG NH2 HH21 sing N N 36  
ARG NH2 HH22 sing N N 37  
ARG OXT HXT  sing N N 38  
ASN N   CA   sing N N 39  
ASN N   H    sing N N 40  
ASN N   H2   sing N N 41  
ASN CA  C    sing N N 42  
ASN CA  CB   sing N N 43  
ASN CA  HA   sing N N 44  
ASN C   O    doub N N 45  
ASN C   OXT  sing N N 46  
ASN CB  CG   sing N N 47  
ASN CB  HB2  sing N N 48  
ASN CB  HB3  sing N N 49  
ASN CG  OD1  doub N N 50  
ASN CG  ND2  sing N N 51  
ASN ND2 HD21 sing N N 52  
ASN ND2 HD22 sing N N 53  
ASN OXT HXT  sing N N 54  
ASP N   CA   sing N N 55  
ASP N   H    sing N N 56  
ASP N   H2   sing N N 57  
ASP CA  C    sing N N 58  
ASP CA  CB   sing N N 59  
ASP CA  HA   sing N N 60  
ASP C   O    doub N N 61  
ASP C   OXT  sing N N 62  
ASP CB  CG   sing N N 63  
ASP CB  HB2  sing N N 64  
ASP CB  HB3  sing N N 65  
ASP CG  OD1  doub N N 66  
ASP CG  OD2  sing N N 67  
ASP OD2 HD2  sing N N 68  
ASP OXT HXT  sing N N 69  
GLN N   CA   sing N N 70  
GLN N   H    sing N N 71  
GLN N   H2   sing N N 72  
GLN CA  C    sing N N 73  
GLN CA  CB   sing N N 74  
GLN CA  HA   sing N N 75  
GLN C   O    doub N N 76  
GLN C   OXT  sing N N 77  
GLN CB  CG   sing N N 78  
GLN CB  HB2  sing N N 79  
GLN CB  HB3  sing N N 80  
GLN CG  CD   sing N N 81  
GLN CG  HG2  sing N N 82  
GLN CG  HG3  sing N N 83  
GLN CD  OE1  doub N N 84  
GLN CD  NE2  sing N N 85  
GLN NE2 HE21 sing N N 86  
GLN NE2 HE22 sing N N 87  
GLN OXT HXT  sing N N 88  
GLU N   CA   sing N N 89  
GLU N   H    sing N N 90  
GLU N   H2   sing N N 91  
GLU CA  C    sing N N 92  
GLU CA  CB   sing N N 93  
GLU CA  HA   sing N N 94  
GLU C   O    doub N N 95  
GLU C   OXT  sing N N 96  
GLU CB  CG   sing N N 97  
GLU CB  HB2  sing N N 98  
GLU CB  HB3  sing N N 99  
GLU CG  CD   sing N N 100 
GLU CG  HG2  sing N N 101 
GLU CG  HG3  sing N N 102 
GLU CD  OE1  doub N N 103 
GLU CD  OE2  sing N N 104 
GLU OE2 HE2  sing N N 105 
GLU OXT HXT  sing N N 106 
GLY N   CA   sing N N 107 
GLY N   H    sing N N 108 
GLY N   H2   sing N N 109 
GLY CA  C    sing N N 110 
GLY CA  HA2  sing N N 111 
GLY CA  HA3  sing N N 112 
GLY C   O    doub N N 113 
GLY C   OXT  sing N N 114 
GLY OXT HXT  sing N N 115 
HOH O   H1   sing N N 116 
HOH O   H2   sing N N 117 
ILE N   CA   sing N N 118 
ILE N   H    sing N N 119 
ILE N   H2   sing N N 120 
ILE CA  C    sing N N 121 
ILE CA  CB   sing N N 122 
ILE CA  HA   sing N N 123 
ILE C   O    doub N N 124 
ILE C   OXT  sing N N 125 
ILE CB  CG1  sing N N 126 
ILE CB  CG2  sing N N 127 
ILE CB  HB   sing N N 128 
ILE CG1 CD1  sing N N 129 
ILE CG1 HG12 sing N N 130 
ILE CG1 HG13 sing N N 131 
ILE CG2 HG21 sing N N 132 
ILE CG2 HG22 sing N N 133 
ILE CG2 HG23 sing N N 134 
ILE CD1 HD11 sing N N 135 
ILE CD1 HD12 sing N N 136 
ILE CD1 HD13 sing N N 137 
ILE OXT HXT  sing N N 138 
LEU N   CA   sing N N 139 
LEU N   H    sing N N 140 
LEU N   H2   sing N N 141 
LEU CA  C    sing N N 142 
LEU CA  CB   sing N N 143 
LEU CA  HA   sing N N 144 
LEU C   O    doub N N 145 
LEU C   OXT  sing N N 146 
LEU CB  CG   sing N N 147 
LEU CB  HB2  sing N N 148 
LEU CB  HB3  sing N N 149 
LEU CG  CD1  sing N N 150 
LEU CG  CD2  sing N N 151 
LEU CG  HG   sing N N 152 
LEU CD1 HD11 sing N N 153 
LEU CD1 HD12 sing N N 154 
LEU CD1 HD13 sing N N 155 
LEU CD2 HD21 sing N N 156 
LEU CD2 HD22 sing N N 157 
LEU CD2 HD23 sing N N 158 
LEU OXT HXT  sing N N 159 
LYS N   CA   sing N N 160 
LYS N   H    sing N N 161 
LYS N   H2   sing N N 162 
LYS CA  C    sing N N 163 
LYS CA  CB   sing N N 164 
LYS CA  HA   sing N N 165 
LYS C   O    doub N N 166 
LYS C   OXT  sing N N 167 
LYS CB  CG   sing N N 168 
LYS CB  HB2  sing N N 169 
LYS CB  HB3  sing N N 170 
LYS CG  CD   sing N N 171 
LYS CG  HG2  sing N N 172 
LYS CG  HG3  sing N N 173 
LYS CD  CE   sing N N 174 
LYS CD  HD2  sing N N 175 
LYS CD  HD3  sing N N 176 
LYS CE  NZ   sing N N 177 
LYS CE  HE2  sing N N 178 
LYS CE  HE3  sing N N 179 
LYS NZ  HZ1  sing N N 180 
LYS NZ  HZ2  sing N N 181 
LYS NZ  HZ3  sing N N 182 
LYS OXT HXT  sing N N 183 
MET N   CA   sing N N 184 
MET N   H    sing N N 185 
MET N   H2   sing N N 186 
MET CA  C    sing N N 187 
MET CA  CB   sing N N 188 
MET CA  HA   sing N N 189 
MET C   O    doub N N 190 
MET C   OXT  sing N N 191 
MET CB  CG   sing N N 192 
MET CB  HB2  sing N N 193 
MET CB  HB3  sing N N 194 
MET CG  SD   sing N N 195 
MET CG  HG2  sing N N 196 
MET CG  HG3  sing N N 197 
MET SD  CE   sing N N 198 
MET CE  HE1  sing N N 199 
MET CE  HE2  sing N N 200 
MET CE  HE3  sing N N 201 
MET OXT HXT  sing N N 202 
PHE N   CA   sing N N 203 
PHE N   H    sing N N 204 
PHE N   H2   sing N N 205 
PHE CA  C    sing N N 206 
PHE CA  CB   sing N N 207 
PHE CA  HA   sing N N 208 
PHE C   O    doub N N 209 
PHE C   OXT  sing N N 210 
PHE CB  CG   sing N N 211 
PHE CB  HB2  sing N N 212 
PHE CB  HB3  sing N N 213 
PHE CG  CD1  doub Y N 214 
PHE CG  CD2  sing Y N 215 
PHE CD1 CE1  sing Y N 216 
PHE CD1 HD1  sing N N 217 
PHE CD2 CE2  doub Y N 218 
PHE CD2 HD2  sing N N 219 
PHE CE1 CZ   doub Y N 220 
PHE CE1 HE1  sing N N 221 
PHE CE2 CZ   sing Y N 222 
PHE CE2 HE2  sing N N 223 
PHE CZ  HZ   sing N N 224 
PHE OXT HXT  sing N N 225 
PRO N   CA   sing N N 226 
PRO N   CD   sing N N 227 
PRO N   H    sing N N 228 
PRO CA  C    sing N N 229 
PRO CA  CB   sing N N 230 
PRO CA  HA   sing N N 231 
PRO C   O    doub N N 232 
PRO C   OXT  sing N N 233 
PRO CB  CG   sing N N 234 
PRO CB  HB2  sing N N 235 
PRO CB  HB3  sing N N 236 
PRO CG  CD   sing N N 237 
PRO CG  HG2  sing N N 238 
PRO CG  HG3  sing N N 239 
PRO CD  HD2  sing N N 240 
PRO CD  HD3  sing N N 241 
PRO OXT HXT  sing N N 242 
SER N   CA   sing N N 243 
SER N   H    sing N N 244 
SER N   H2   sing N N 245 
SER CA  C    sing N N 246 
SER CA  CB   sing N N 247 
SER CA  HA   sing N N 248 
SER C   O    doub N N 249 
SER C   OXT  sing N N 250 
SER CB  OG   sing N N 251 
SER CB  HB2  sing N N 252 
SER CB  HB3  sing N N 253 
SER OG  HG   sing N N 254 
SER OXT HXT  sing N N 255 
THR N   CA   sing N N 256 
THR N   H    sing N N 257 
THR N   H2   sing N N 258 
THR CA  C    sing N N 259 
THR CA  CB   sing N N 260 
THR CA  HA   sing N N 261 
THR C   O    doub N N 262 
THR C   OXT  sing N N 263 
THR CB  OG1  sing N N 264 
THR CB  CG2  sing N N 265 
THR CB  HB   sing N N 266 
THR OG1 HG1  sing N N 267 
THR CG2 HG21 sing N N 268 
THR CG2 HG22 sing N N 269 
THR CG2 HG23 sing N N 270 
THR OXT HXT  sing N N 271 
TRP N   CA   sing N N 272 
TRP N   H    sing N N 273 
TRP N   H2   sing N N 274 
TRP CA  C    sing N N 275 
TRP CA  CB   sing N N 276 
TRP CA  HA   sing N N 277 
TRP C   O    doub N N 278 
TRP C   OXT  sing N N 279 
TRP CB  CG   sing N N 280 
TRP CB  HB2  sing N N 281 
TRP CB  HB3  sing N N 282 
TRP CG  CD1  doub Y N 283 
TRP CG  CD2  sing Y N 284 
TRP CD1 NE1  sing Y N 285 
TRP CD1 HD1  sing N N 286 
TRP CD2 CE2  doub Y N 287 
TRP CD2 CE3  sing Y N 288 
TRP NE1 CE2  sing Y N 289 
TRP NE1 HE1  sing N N 290 
TRP CE2 CZ2  sing Y N 291 
TRP CE3 CZ3  doub Y N 292 
TRP CE3 HE3  sing N N 293 
TRP CZ2 CH2  doub Y N 294 
TRP CZ2 HZ2  sing N N 295 
TRP CZ3 CH2  sing Y N 296 
TRP CZ3 HZ3  sing N N 297 
TRP CH2 HH2  sing N N 298 
TRP OXT HXT  sing N N 299 
TYR N   CA   sing N N 300 
TYR N   H    sing N N 301 
TYR N   H2   sing N N 302 
TYR CA  C    sing N N 303 
TYR CA  CB   sing N N 304 
TYR CA  HA   sing N N 305 
TYR C   O    doub N N 306 
TYR C   OXT  sing N N 307 
TYR CB  CG   sing N N 308 
TYR CB  HB2  sing N N 309 
TYR CB  HB3  sing N N 310 
TYR CG  CD1  doub Y N 311 
TYR CG  CD2  sing Y N 312 
TYR CD1 CE1  sing Y N 313 
TYR CD1 HD1  sing N N 314 
TYR CD2 CE2  doub Y N 315 
TYR CD2 HD2  sing N N 316 
TYR CE1 CZ   doub Y N 317 
TYR CE1 HE1  sing N N 318 
TYR CE2 CZ   sing Y N 319 
TYR CE2 HE2  sing N N 320 
TYR CZ  OH   sing N N 321 
TYR OH  HH   sing N N 322 
TYR OXT HXT  sing N N 323 
VAL N   CA   sing N N 324 
VAL N   H    sing N N 325 
VAL N   H2   sing N N 326 
VAL CA  C    sing N N 327 
VAL CA  CB   sing N N 328 
VAL CA  HA   sing N N 329 
VAL C   O    doub N N 330 
VAL C   OXT  sing N N 331 
VAL CB  CG1  sing N N 332 
VAL CB  CG2  sing N N 333 
VAL CB  HB   sing N N 334 
VAL CG1 HG11 sing N N 335 
VAL CG1 HG12 sing N N 336 
VAL CG1 HG13 sing N N 337 
VAL CG2 HG21 sing N N 338 
VAL CG2 HG22 sing N N 339 
VAL CG2 HG23 sing N N 340 
VAL OXT HXT  sing N N 341 
# 
_pdbx_audit_support.funding_organization   'Not funded' 
_pdbx_audit_support.country                ? 
_pdbx_audit_support.grant_number           ? 
_pdbx_audit_support.ordinal                1 
# 
_pdbx_serial_crystallography_sample_delivery.diffrn_id     1 
_pdbx_serial_crystallography_sample_delivery.description   ? 
_pdbx_serial_crystallography_sample_delivery.method        'fixed target' 
# 
_atom_sites.entry_id                    7XP9 
_atom_sites.Cartn_transf_matrix[1][1]   ? 
_atom_sites.Cartn_transf_matrix[1][2]   ? 
_atom_sites.Cartn_transf_matrix[1][3]   ? 
_atom_sites.Cartn_transf_matrix[2][1]   ? 
_atom_sites.Cartn_transf_matrix[2][2]   ? 
_atom_sites.Cartn_transf_matrix[2][3]   ? 
_atom_sites.Cartn_transf_matrix[3][1]   ? 
_atom_sites.Cartn_transf_matrix[3][2]   ? 
_atom_sites.Cartn_transf_matrix[3][3]   ? 
_atom_sites.Cartn_transf_vector[1]      ? 
_atom_sites.Cartn_transf_vector[2]      ? 
_atom_sites.Cartn_transf_vector[3]      ? 
_atom_sites.fract_transf_matrix[1][1]   0.01986161 
_atom_sites.fract_transf_matrix[1][2]   0.00715403 
_atom_sites.fract_transf_matrix[1][3]   -0.00339310 
_atom_sites.fract_transf_matrix[2][1]   0.00356249 
_atom_sites.fract_transf_matrix[2][2]   0.01506948 
_atom_sites.fract_transf_matrix[2][3]   -0.01474481 
_atom_sites.fract_transf_matrix[3][1]   -0.00117785 
_atom_sites.fract_transf_matrix[3][2]   0.00608437 
_atom_sites.fract_transf_matrix[3][3]   0.00593376 
_atom_sites.fract_transf_vector[1]      0.679814 
_atom_sites.fract_transf_vector[2]      0.473176 
_atom_sites.fract_transf_vector[3]      0.460591 
_atom_sites.solution_primary            ? 
_atom_sites.solution_secondary          ? 
_atom_sites.solution_hydrogens          ? 
_atom_sites.special_details             ? 
# 
loop_
_atom_type.symbol 
C 
N 
O 
S 
# 
loop_
_atom_site.group_PDB 
_atom_site.id 
_atom_site.type_symbol 
_atom_site.label_atom_id 
_atom_site.label_alt_id 
_atom_site.label_comp_id 
_atom_site.label_asym_id 
_atom_site.label_entity_id 
_atom_site.label_seq_id 
_atom_site.pdbx_PDB_ins_code 
_atom_site.Cartn_x 
_atom_site.Cartn_y 
_atom_site.Cartn_z 
_atom_site.occupancy 
_atom_site.B_iso_or_equiv 
_atom_site.pdbx_formal_charge 
_atom_site.auth_seq_id 
_atom_site.auth_comp_id 
_atom_site.auth_asym_id 
_atom_site.auth_atom_id 
_atom_site.pdbx_PDB_model_num 
ATOM   1   N N   . LEU A 1 9  ? 16.923  -3.813  19.924  1.00 40.48 ? 72  LEU A N   1 
ATOM   2   C CA  . LEU A 1 9  ? 17.481  -3.853  18.573  1.00 42.03 ? 72  LEU A CA  1 
ATOM   3   C C   . LEU A 1 9  ? 16.791  -4.931  17.740  1.00 40.92 ? 72  LEU A C   1 
ATOM   4   O O   . LEU A 1 9  ? 16.550  -4.757  16.538  1.00 33.78 ? 72  LEU A O   1 
ATOM   5   C CB  . LEU A 1 9  ? 18.987  -4.108  18.615  1.00 42.66 ? 72  LEU A CB  1 
ATOM   6   C CG  . LEU A 1 9  ? 19.715  -3.656  17.347  1.00 44.23 ? 72  LEU A CG  1 
ATOM   7   C CD1 . LEU A 1 9  ? 20.183  -2.221  17.519  1.00 41.14 ? 72  LEU A CD1 1 
ATOM   8   C CD2 . LEU A 1 9  ? 20.879  -4.574  16.990  1.00 48.66 ? 72  LEU A CD2 1 
ATOM   9   N N   . MET A 1 10 ? 16.494  -6.061  18.388  1.00 41.09 ? 73  MET A N   1 
ATOM   10  C CA  . MET A 1 10 ? 15.628  -7.057  17.774  1.00 39.25 ? 73  MET A CA  1 
ATOM   11  C C   . MET A 1 10 ? 14.296  -6.432  17.391  1.00 37.04 ? 73  MET A C   1 
ATOM   12  O O   . MET A 1 10 ? 13.802  -6.627  16.274  1.00 31.76 ? 73  MET A O   1 
ATOM   13  C CB  . MET A 1 10 ? 15.409  -8.232  18.728  1.00 41.50 ? 73  MET A CB  1 
ATOM   14  C CG  . MET A 1 10 ? 16.318  -9.448  18.519  1.00 46.27 ? 73  MET A CG  1 
ATOM   15  S SD  . MET A 1 10 ? 16.380  -10.194 16.871  1.00 61.81 ? 73  MET A SD  1 
ATOM   16  C CE  . MET A 1 10 ? 17.666  -9.240  16.059  1.00 43.47 ? 73  MET A CE  1 
ATOM   17  N N   . ARG A 1 11 ? 13.702  -5.669  18.317  1.00 34.62 ? 74  ARG A N   1 
ATOM   18  C CA  . ARG A 1 11 ? 12.471  -4.941  18.021  1.00 33.97 ? 74  ARG A CA  1 
ATOM   19  C C   . ARG A 1 11 ? 12.651  -3.992  16.840  1.00 33.60 ? 74  ARG A C   1 
ATOM   20  O O   . ARG A 1 11 ? 11.809  -3.938  15.928  1.00 30.26 ? 74  ARG A O   1 
ATOM   21  C CB  . ARG A 1 11 ? 12.035  -4.111  19.218  1.00 34.92 ? 74  ARG A CB  1 
ATOM   22  N N   . VAL A 1 12 ? 13.713  -3.178  16.880  1.00 32.77 ? 75  VAL A N   1 
ATOM   23  C CA  . VAL A 1 12 ? 13.963  -2.228  15.794  1.00 30.22 ? 75  VAL A CA  1 
ATOM   24  C C   . VAL A 1 12 ? 13.937  -2.954  14.464  1.00 26.42 ? 75  VAL A C   1 
ATOM   25  O O   . VAL A 1 12 ? 13.237  -2.555  13.530  1.00 24.76 ? 75  VAL A O   1 
ATOM   26  C CB  . VAL A 1 12 ? 15.306  -1.500  15.995  1.00 29.09 ? 75  VAL A CB  1 
ATOM   27  C CG1 . VAL A 1 12 ? 15.693  -0.773  14.709  1.00 27.57 ? 75  VAL A CG1 1 
ATOM   28  C CG2 . VAL A 1 12 ? 15.226  -0.517  17.164  1.00 27.79 ? 75  VAL A CG2 1 
ATOM   29  N N   . PHE A 1 13 ? 14.695  -4.049  14.373  1.00 27.09 ? 76  PHE A N   1 
ATOM   30  C CA  . PHE A 1 13 ? 14.816  -4.779  13.121  1.00 28.68 ? 76  PHE A CA  1 
ATOM   31  C C   . PHE A 1 13 ? 13.477  -5.365  12.703  1.00 25.21 ? 76  PHE A C   1 
ATOM   32  O O   . PHE A 1 13 ? 13.164  -5.435  11.507  1.00 23.09 ? 76  PHE A O   1 
ATOM   33  C CB  . PHE A 1 13 ? 15.856  -5.888  13.277  1.00 30.43 ? 76  PHE A CB  1 
ATOM   34  C CG  . PHE A 1 13 ? 17.256  -5.466  12.947  1.00 35.06 ? 76  PHE A CG  1 
ATOM   35  C CD1 . PHE A 1 13 ? 17.529  -4.737  11.797  1.00 35.86 ? 76  PHE A CD1 1 
ATOM   36  C CD2 . PHE A 1 13 ? 18.311  -5.834  13.771  1.00 35.37 ? 76  PHE A CD2 1 
ATOM   37  C CE1 . PHE A 1 13 ? 18.824  -4.364  11.487  1.00 38.11 ? 76  PHE A CE1 1 
ATOM   38  C CE2 . PHE A 1 13 ? 19.605  -5.460  13.469  1.00 35.79 ? 76  PHE A CE2 1 
ATOM   39  C CZ  . PHE A 1 13 ? 19.865  -4.732  12.324  1.00 39.89 ? 76  PHE A CZ  1 
ATOM   40  N N   . SER A 1 14 ? 12.688  -5.815  13.678  1.00 24.85 ? 77  SER A N   1 
ATOM   41  C CA  . SER A 1 14 ? 11.382  -6.387  13.376  1.00 26.76 ? 77  SER A CA  1 
ATOM   42  C C   . SER A 1 14 ? 10.464  -5.331  12.777  1.00 25.14 ? 77  SER A C   1 
ATOM   43  O O   . SER A 1 14 ? 9.816   -5.575  11.757  1.00 22.84 ? 77  SER A O   1 
ATOM   44  C CB  . SER A 1 14 ? 10.776  -7.002  14.638  1.00 28.81 ? 77  SER A CB  1 
ATOM   45  O OG  . SER A 1 14 ? 10.314  -6.008  15.532  1.00 29.89 ? 77  SER A OG  1 
ATOM   46  N N   . LYS A 1 15 ? 10.433  -4.132  13.373  1.00 24.28 ? 78  LYS A N   1 
ATOM   47  C CA  . LYS A 1 15 ? 9.599   -3.068  12.822  1.00 25.44 ? 78  LYS A CA  1 
ATOM   48  C C   . LYS A 1 15 ? 10.098  -2.646  11.456  1.00 22.67 ? 78  LYS A C   1 
ATOM   49  O O   . LYS A 1 15 ? 9.297   -2.352  10.563  1.00 21.36 ? 78  LYS A O   1 
ATOM   50  C CB  . LYS A 1 15 ? 9.562   -1.849  13.749  1.00 29.34 ? 78  LYS A CB  1 
ATOM   51  C CG  . LYS A 1 15 ? 8.513   -1.940  14.845  1.00 34.70 ? 78  LYS A CG  1 
ATOM   52  C CD  . LYS A 1 15 ? 8.804   -0.986  15.996  1.00 37.69 ? 78  LYS A CD  1 
ATOM   53  C CE  . LYS A 1 15 ? 8.479   0.449   15.593  1.00 38.78 ? 78  LYS A CE  1 
ATOM   54  N NZ  . LYS A 1 15 ? 8.796   1.429   16.667  1.00 43.04 ? 78  LYS A NZ  1 
ATOM   55  N N   . GLU A 1 16 ? 11.420  -2.594  11.280  1.00 23.61 ? 79  GLU A N   1 
ATOM   56  C CA  . GLU A 1 16 ? 11.973  -2.216  9.983   1.00 23.81 ? 79  GLU A CA  1 
ATOM   57  C C   . GLU A 1 16 ? 11.546  -3.194  8.897   1.00 22.18 ? 79  GLU A C   1 
ATOM   58  O O   . GLU A 1 16 ? 11.186  -2.787  7.784   1.00 23.70 ? 79  GLU A O   1 
ATOM   59  C CB  . GLU A 1 16 ? 13.500  -2.154  10.061  1.00 24.79 ? 79  GLU A CB  1 
ATOM   60  C CG  . GLU A 1 16 ? 14.137  -1.821  8.732   1.00 22.49 ? 79  GLU A CG  1 
ATOM   61  C CD  . GLU A 1 16 ? 15.645  -1.959  8.755   1.00 28.12 ? 79  GLU A CD  1 
ATOM   62  O OE1 . GLU A 1 16 ? 16.157  -2.822  9.508   1.00 27.06 ? 79  GLU A OE1 1 
ATOM   63  O OE2 . GLU A 1 16 ? 16.315  -1.214  8.008   1.00 28.12 ? 79  GLU A OE2 1 
ATOM   64  N N   . ALA A 1 17 ? 11.588  -4.488  9.200   1.00 18.57 ? 80  ALA A N   1 
ATOM   65  C CA  . ALA A 1 17 ? 11.117  -5.483  8.240   1.00 20.57 ? 80  ALA A CA  1 
ATOM   66  C C   . ALA A 1 17 ? 9.658   -5.245  7.879   1.00 21.41 ? 80  ALA A C   1 
ATOM   67  O O   . ALA A 1 17 ? 9.275   -5.318  6.700   1.00 20.29 ? 80  ALA A O   1 
ATOM   68  C CB  . ALA A 1 17 ? 11.312  -6.886  8.816   1.00 21.26 ? 80  ALA A CB  1 
ATOM   69  N N   . THR A 1 18 ? 8.825   -4.960  8.885   1.00 20.46 ? 81  THR A N   1 
ATOM   70  C CA  . THR A 1 18 ? 7.411   -4.714  8.626   1.00 19.71 ? 81  THR A CA  1 
ATOM   71  C C   . THR A 1 18 ? 7.232   -3.474  7.760   1.00 20.40 ? 81  THR A C   1 
ATOM   72  O O   . THR A 1 18 ? 6.455   -3.479  6.801   1.00 19.02 ? 81  THR A O   1 
ATOM   73  C CB  . THR A 1 18 ? 6.666   -4.559  9.953   1.00 21.36 ? 81  THR A CB  1 
ATOM   74  O OG1 . THR A 1 18 ? 6.683   -5.818  10.644  1.00 22.49 ? 81  THR A OG1 1 
ATOM   75  C CG2 . THR A 1 18 ? 5.230   -4.136  9.721   1.00 24.16 ? 81  THR A CG2 1 
ATOM   76  N N   . ARG A 1 19 ? 7.979   -2.418  8.070   1.00 19.47 ? 82  ARG A N   1 
ATOM   77  C CA  . ARG A 1 19 ? 7.902   -1.175  7.311   1.00 19.89 ? 82  ARG A CA  1 
ATOM   78  C C   . ARG A 1 19 ? 8.227   -1.401  5.836   1.00 21.57 ? 82  ARG A C   1 
ATOM   79  O O   . ARG A 1 19 ? 7.489   -0.958  4.939   1.00 18.67 ? 82  ARG A O   1 
ATOM   80  C CB  . ARG A 1 19 ? 8.870   -0.174  7.949   1.00 20.86 ? 82  ARG A CB  1 
ATOM   81  C CG  . ARG A 1 19 ? 8.594   1.271   7.661   1.00 27.67 ? 82  ARG A CG  1 
ATOM   82  C CD  . ARG A 1 19 ? 9.076   2.102   8.849   1.00 28.74 ? 82  ARG A CD  1 
ATOM   83  N NE  . ARG A 1 19 ? 10.491  1.914   9.080   1.00 30.22 ? 82  ARG A NE  1 
ATOM   84  C CZ  . ARG A 1 19 ? 11.064  1.660   10.246  1.00 26.71 ? 82  ARG A CZ  1 
ATOM   85  N NH1 . ARG A 1 19 ? 10.366  1.593   11.372  1.00 28.69 ? 82  ARG A NH1 1 
ATOM   86  N NH2 . ARG A 1 19 ? 12.381  1.518   10.288  1.00 29.15 ? 82  ARG A NH2 1 
ATOM   87  N N   . LYS A 1 20 ? 9.348   -2.071  5.564   1.00 17.82 ? 83  LYS A N   1 
ATOM   88  C CA  . LYS A 1 20 ? 9.761   -2.353  4.191   1.00 21.97 ? 83  LYS A CA  1 
ATOM   89  C C   . LYS A 1 20 ? 8.770   -3.249  3.454   1.00 18.48 ? 83  LYS A C   1 
ATOM   90  O O   . LYS A 1 20 ? 8.636   -3.140  2.230   1.00 16.48 ? 83  LYS A O   1 
ATOM   91  C CB  . LYS A 1 20 ? 11.158  -2.991  4.195   1.00 22.06 ? 83  LYS A CB  1 
ATOM   92  C CG  . LYS A 1 20 ? 12.178  -2.199  5.041   1.00 25.88 ? 83  LYS A CG  1 
ATOM   93  C CD  . LYS A 1 20 ? 13.611  -2.410  4.566   1.00 33.31 ? 83  LYS A CD  1 
ATOM   94  C CE  . LYS A 1 20 ? 14.489  -1.198  4.857   1.00 31.35 ? 83  LYS A CE  1 
ATOM   95  N NZ  . LYS A 1 20 ? 15.870  -1.422  4.392   1.00 34.25 ? 83  LYS A NZ  1 
ATOM   96  N N   . TYR A 1 21 ? 8.090   -4.143  4.171   1.00 17.59 ? 84  TYR A N   1 
ATOM   97  C CA  . TYR A 1 21 ? 7.066   -4.988  3.549   1.00 18.94 ? 84  TYR A CA  1 
ATOM   98  C C   . TYR A 1 21 ? 5.915   -4.151  2.987   1.00 16.00 ? 84  TYR A C   1 
ATOM   99  O O   . TYR A 1 21 ? 5.488   -4.341  1.836   1.00 17.43 ? 84  TYR A O   1 
ATOM   100 C CB  . TYR A 1 21 ? 6.555   -5.992  4.582   1.00 19.67 ? 84  TYR A CB  1 
ATOM   101 C CG  . TYR A 1 21 ? 5.398   -6.847  4.113   1.00 21.57 ? 84  TYR A CG  1 
ATOM   102 C CD1 . TYR A 1 21 ? 5.606   -7.895  3.232   1.00 21.34 ? 84  TYR A CD1 1 
ATOM   103 C CD2 . TYR A 1 21 ? 4.097   -6.601  4.546   1.00 22.65 ? 84  TYR A CD2 1 
ATOM   104 C CE1 . TYR A 1 21 ? 4.534   -8.699  2.802   1.00 23.27 ? 84  TYR A CE1 1 
ATOM   105 C CE2 . TYR A 1 21 ? 3.021   -7.407  4.105   1.00 21.57 ? 84  TYR A CE2 1 
ATOM   106 C CZ  . TYR A 1 21 ? 3.264   -8.449  3.241   1.00 23.40 ? 84  TYR A CZ  1 
ATOM   107 O OH  . TYR A 1 21 ? 2.223   -9.258  2.783   1.00 28.39 ? 84  TYR A OH  1 
ATOM   108 N N   . TYR A 1 22 ? 5.399   -3.213  3.778   1.00 16.77 ? 85  TYR A N   1 
ATOM   109 C CA  . TYR A 1 22 ? 4.333   -2.350  3.280   1.00 18.72 ? 85  TYR A CA  1 
ATOM   110 C C   . TYR A 1 22 ? 4.830   -1.418  2.174   1.00 18.08 ? 85  TYR A C   1 
ATOM   111 O O   . TYR A 1 22 ? 4.139   -1.219  1.166   1.00 17.66 ? 85  TYR A O   1 
ATOM   112 C CB  . TYR A 1 22 ? 3.722   -1.554  4.433   1.00 18.96 ? 85  TYR A CB  1 
ATOM   113 C CG  . TYR A 1 22 ? 2.965   -2.443  5.394   1.00 21.97 ? 85  TYR A CG  1 
ATOM   114 C CD1 . TYR A 1 22 ? 2.035   -3.372  4.930   1.00 20.72 ? 85  TYR A CD1 1 
ATOM   115 C CD2 . TYR A 1 22 ? 3.193   -2.369  6.759   1.00 22.00 ? 85  TYR A CD2 1 
ATOM   116 C CE1 . TYR A 1 22 ? 1.356   -4.199  5.804   1.00 25.36 ? 85  TYR A CE1 1 
ATOM   117 C CE2 . TYR A 1 22 ? 2.513   -3.181  7.641   1.00 24.24 ? 85  TYR A CE2 1 
ATOM   118 C CZ  . TYR A 1 22 ? 1.602   -4.102  7.156   1.00 26.16 ? 85  TYR A CZ  1 
ATOM   119 O OH  . TYR A 1 22 ? 0.926   -4.915  8.037   1.00 35.19 ? 85  TYR A OH  1 
ATOM   120 N N   . LEU A 1 23 ? 6.015   -0.820  2.344   1.00 15.94 ? 86  LEU A N   1 
ATOM   121 C CA  . LEU A 1 23 ? 6.577   0.002   1.269   1.00 18.59 ? 86  LEU A CA  1 
ATOM   122 C C   . LEU A 1 23 ? 6.671   -0.772  -0.039  1.00 19.40 ? 86  LEU A C   1 
ATOM   123 O O   . LEU A 1 23 ? 6.414   -0.220  -1.117  1.00 19.05 ? 86  LEU A O   1 
ATOM   124 C CB  . LEU A 1 23 ? 7.959   0.525   1.667   1.00 18.77 ? 86  LEU A CB  1 
ATOM   125 C CG  . LEU A 1 23 ? 7.896   1.619   2.738   1.00 21.91 ? 86  LEU A CG  1 
ATOM   126 C CD1 . LEU A 1 23 ? 9.307   1.908   3.296   1.00 22.54 ? 86  LEU A CD1 1 
ATOM   127 C CD2 . LEU A 1 23 ? 7.305   2.861   2.140   1.00 21.72 ? 86  LEU A CD2 1 
ATOM   128 N N   . ASP A 1 24 ? 7.035   -2.058  0.036   1.00 18.86 ? 87  ASP A N   1 
ATOM   129 C CA  . ASP A 1 24 ? 7.147   -2.880  -1.166  1.00 18.69 ? 87  ASP A CA  1 
ATOM   130 C C   . ASP A 1 24 ? 5.792   -3.258  -1.741  1.00 18.97 ? 87  ASP A C   1 
ATOM   131 O O   . ASP A 1 24 ? 5.689   -3.511  -2.954  1.00 17.54 ? 87  ASP A O   1 
ATOM   132 C CB  . ASP A 1 24 ? 7.975   -4.123  -0.866  1.00 20.88 ? 87  ASP A CB  1 
ATOM   133 C CG  . ASP A 1 24 ? 9.479   -3.833  -0.907  1.00 23.64 ? 87  ASP A CG  1 
ATOM   134 O OD1 . ASP A 1 24 ? 9.881   -2.651  -1.001  1.00 28.66 ? 87  ASP A OD1 1 
ATOM   135 O OD2 . ASP A 1 24 ? 10.259  -4.786  -0.844  1.00 33.85 ? 87  ASP A OD2 1 
ATOM   136 N N   . LEU A 1 25 ? 4.745   -3.303  -0.912  1.00 16.54 ? 88  LEU A N   1 
ATOM   137 C CA  . LEU A 1 25 ? 3.397   -3.426  -1.461  1.00 18.18 ? 88  LEU A CA  1 
ATOM   138 C C   . LEU A 1 25 ? 3.095   -2.270  -2.396  1.00 20.37 ? 88  LEU A C   1 
ATOM   139 O O   . LEU A 1 25 ? 2.567   -2.462  -3.502  1.00 18.84 ? 88  LEU A O   1 
ATOM   140 C CB  . LEU A 1 25 ? 2.350   -3.478  -0.344  1.00 17.40 ? 88  LEU A CB  1 
ATOM   141 C CG  . LEU A 1 25 ? 0.912   -3.462  -0.888  1.00 17.29 ? 88  LEU A CG  1 
ATOM   142 C CD1 . LEU A 1 25 ? 0.573   -4.803  -1.561  1.00 21.70 ? 88  LEU A CD1 1 
ATOM   143 C CD2 . LEU A 1 25 ? -0.058  -3.193  0.262   1.00 23.82 ? 88  LEU A CD2 1 
ATOM   144 N N   . PHE A 1 26 ? 3.401   -1.046  -1.960  1.00 18.16 ? 89  PHE A N   1 
ATOM   145 C CA  . PHE A 1 26 ? 3.141   0.106   -2.814  1.00 20.41 ? 89  PHE A CA  1 
ATOM   146 C C   . PHE A 1 26 ? 3.969   0.059   -4.090  1.00 19.88 ? 89  PHE A C   1 
ATOM   147 O O   . PHE A 1 26 ? 3.472   0.404   -5.170  1.00 20.95 ? 89  PHE A O   1 
ATOM   148 C CB  . PHE A 1 26 ? 3.388   1.394   -2.037  1.00 20.15 ? 89  PHE A CB  1 
ATOM   149 C CG  . PHE A 1 26 ? 2.237   1.771   -1.157  1.00 20.98 ? 89  PHE A CG  1 
ATOM   150 C CD1 . PHE A 1 26 ? 2.119   1.252   0.128   1.00 18.49 ? 89  PHE A CD1 1 
ATOM   151 C CD2 . PHE A 1 26 ? 1.232   2.601   -1.642  1.00 22.34 ? 89  PHE A CD2 1 
ATOM   152 C CE1 . PHE A 1 26 ? 1.027   1.587   0.928   1.00 23.77 ? 89  PHE A CE1 1 
ATOM   153 C CE2 . PHE A 1 26 ? 0.136   2.934   -0.844  1.00 20.74 ? 89  PHE A CE2 1 
ATOM   154 C CZ  . PHE A 1 26 ? 0.031   2.432   0.429   1.00 20.27 ? 89  PHE A CZ  1 
ATOM   155 N N   . LYS A 1 27 ? 5.229   -0.369  -3.991  1.00 18.54 ? 90  LYS A N   1 
ATOM   156 C CA  . LYS A 1 27 ? 6.053   -0.492  -5.191  1.00 21.54 ? 90  LYS A CA  1 
ATOM   157 C C   . LYS A 1 27 ? 5.456   -1.512  -6.147  1.00 21.69 ? 90  LYS A C   1 
ATOM   158 O O   . LYS A 1 27 ? 5.383   -1.273  -7.359  1.00 20.68 ? 90  LYS A O   1 
ATOM   159 C CB  . LYS A 1 27 ? 7.485   -0.889  -4.805  1.00 21.13 ? 90  LYS A CB  1 
ATOM   160 C CG  . LYS A 1 27 ? 8.297   0.201   -4.120  1.00 23.58 ? 90  LYS A CG  1 
ATOM   161 C CD  . LYS A 1 27 ? 9.765   -0.246  -3.995  1.00 26.09 ? 90  LYS A CD  1 
ATOM   162 C CE  . LYS A 1 27 ? 10.457  0.373   -2.792  1.00 36.85 ? 90  LYS A CE  1 
ATOM   163 N NZ  . LYS A 1 27 ? 10.807  -0.674  -1.752  1.00 37.03 ? 90  LYS A NZ  1 
ATOM   164 N N   . ARG A 1 28 ? 5.029   -2.659  -5.615  1.00 19.32 ? 91  ARG A N   1 
ATOM   165 C CA  . ARG A 1 28 ? 4.386   -3.671  -6.446  1.00 18.41 ? 91  ARG A CA  1 
ATOM   166 C C   . ARG A 1 28 ? 3.122   -3.124  -7.100  1.00 23.71 ? 91  ARG A C   1 
ATOM   167 O O   . ARG A 1 28 ? 2.857   -3.395  -8.274  1.00 21.91 ? 91  ARG A O   1 
ATOM   168 C CB  . ARG A 1 28 ? 4.094   -4.921  -5.597  1.00 20.10 ? 91  ARG A CB  1 
ATOM   169 C CG  . ARG A 1 28 ? 3.100   -5.942  -6.178  1.00 24.00 ? 91  ARG A CG  1 
ATOM   170 C CD  . ARG A 1 28 ? 3.088   -7.238  -5.375  1.00 23.30 ? 91  ARG A CD  1 
ATOM   171 N NE  . ARG A 1 28 ? 2.185   -8.259  -5.916  1.00 27.50 ? 91  ARG A NE  1 
ATOM   172 C CZ  . ARG A 1 28 ? 1.291   -8.943  -5.205  1.00 27.62 ? 91  ARG A CZ  1 
ATOM   173 N NH1 . ARG A 1 28 ? 1.222   -8.842  -3.887  1.00 24.79 ? 91  ARG A NH1 1 
ATOM   174 N NH2 . ARG A 1 28 ? 0.470   -9.784  -5.828  1.00 30.09 ? 91  ARG A NH2 1 
ATOM   175 N N   . ALA A 1 29 ? 2.348   -2.313  -6.376  1.00 19.80 ? 92  ALA A N   1 
ATOM   176 C CA  . ALA A 1 29 ? 1.105   -1.804  -6.949  1.00 21.36 ? 92  ALA A CA  1 
ATOM   177 C C   . ALA A 1 29 ? 1.302   -0.675  -7.962  1.00 26.26 ? 92  ALA A C   1 
ATOM   178 O O   . ALA A 1 29 ? 0.336   -0.324  -8.659  1.00 25.11 ? 92  ALA A O   1 
ATOM   179 C CB  . ALA A 1 29 ? 0.182   -1.339  -5.825  1.00 23.55 ? 92  ALA A CB  1 
ATOM   180 N N   . ASP A 1 30 ? 2.500   -0.082  -8.049  1.00 23.52 ? 93  ASP A N   1 
ATOM   181 C CA  . ASP A 1 30 ? 2.767   0.894   -9.108  1.00 27.62 ? 93  ASP A CA  1 
ATOM   182 C C   . ASP A 1 30 ? 2.498   0.308   -10.481 1.00 32.77 ? 93  ASP A C   1 
ATOM   183 O O   . ASP A 1 30 ? 1.965   0.993   -11.362 1.00 33.50 ? 93  ASP A O   1 
ATOM   184 C CB  . ASP A 1 30 ? 4.208   1.393   -9.049  1.00 31.21 ? 93  ASP A CB  1 
ATOM   185 C CG  . ASP A 1 30 ? 4.420   2.489   -8.037  1.00 36.13 ? 93  ASP A CG  1 
ATOM   186 O OD1 . ASP A 1 30 ? 3.512   3.338   -7.876  1.00 39.59 ? 93  ASP A OD1 1 
ATOM   187 O OD2 . ASP A 1 30 ? 5.534   2.557   -7.470  1.00 37.89 ? 93  ASP A OD2 1 
ATOM   188 N N   . PHE A 1 31 ? 2.844   -0.960  -10.679 1.00 28.96 ? 94  PHE A N   1 
ATOM   189 C CA  . PHE A 1 31 ? 2.858   -1.538  -12.010 1.00 28.59 ? 94  PHE A CA  1 
ATOM   190 C C   . PHE A 1 31 ? 1.480   -2.023  -12.417 1.00 30.45 ? 94  PHE A C   1 
ATOM   191 O O   . PHE A 1 31 ? 0.822   -2.771  -11.684 1.00 28.29 ? 94  PHE A O   1 
ATOM   192 C CB  . PHE A 1 31 ? 3.868   -2.676  -12.068 1.00 27.50 ? 94  PHE A CB  1 
ATOM   193 C CG  . PHE A 1 31 ? 5.266   -2.241  -11.758 1.00 26.12 ? 94  PHE A CG  1 
ATOM   194 C CD1 . PHE A 1 31 ? 6.086   -1.757  -12.757 1.00 27.57 ? 94  PHE A CD1 1 
ATOM   195 C CD2 . PHE A 1 31 ? 5.761   -2.313  -10.467 1.00 24.68 ? 94  PHE A CD2 1 
ATOM   196 C CE1 . PHE A 1 31 ? 7.359   -1.356  -12.492 1.00 25.34 ? 94  PHE A CE1 1 
ATOM   197 C CE2 . PHE A 1 31 ? 7.041   -1.905  -10.186 1.00 23.72 ? 94  PHE A CE2 1 
ATOM   198 C CZ  . PHE A 1 31 ? 7.849   -1.424  -11.211 1.00 28.95 ? 94  PHE A CZ  1 
ATOM   199 N N   . THR A 1 32 ? 1.053   -1.593  -13.609 1.00 31.89 ? 95  THR A N   1 
ATOM   200 C CA  . THR A 1 32 ? -0.235  -2.001  -14.158 1.00 34.18 ? 95  THR A CA  1 
ATOM   201 C C   . THR A 1 32 ? -0.363  -3.517  -14.237 1.00 29.44 ? 95  THR A C   1 
ATOM   202 O O   . THR A 1 32 ? -1.430  -4.078  -13.963 1.00 32.34 ? 95  THR A O   1 
ATOM   203 C CB  . THR A 1 32 ? -0.404  -1.374  -15.546 1.00 33.21 ? 95  THR A CB  1 
ATOM   204 O OG1 . THR A 1 32 ? -0.834  -0.018  -15.399 1.00 41.47 ? 95  THR A OG1 1 
ATOM   205 C CG2 . THR A 1 32 ? -1.403  -2.137  -16.366 1.00 36.17 ? 95  THR A CG2 1 
ATOM   206 N N   . ALA A 1 33 ? 0.720   -4.196  -14.617 1.00 30.43 ? 96  ALA A N   1 
ATOM   207 C CA  . ALA A 1 33 ? 0.690   -5.649  -14.767 1.00 29.36 ? 96  ALA A CA  1 
ATOM   208 C C   . ALA A 1 33 ? 0.348   -6.366  -13.466 1.00 28.95 ? 96  ALA A C   1 
ATOM   209 O O   . ALA A 1 33 ? -0.173  -7.485  -13.495 1.00 28.58 ? 96  ALA A O   1 
ATOM   210 C CB  . ALA A 1 33 ? 2.041   -6.139  -15.292 1.00 27.32 ? 96  ALA A CB  1 
ATOM   211 N N   . ASN A 1 34 ? 0.625   -5.748  -12.318 1.00 29.82 ? 97  ASN A N   1 
ATOM   212 C CA  . ASN A 1 34 ? 0.393   -6.395  -11.033 1.00 24.58 ? 97  ASN A CA  1 
ATOM   213 C C   . ASN A 1 34 ? -1.023  -6.207  -10.486 1.00 26.03 ? 97  ASN A C   1 
ATOM   214 O O   . ASN A 1 34 ? -1.367  -6.844  -9.483  1.00 23.23 ? 97  ASN A O   1 
ATOM   215 C CB  . ASN A 1 34 ? 1.438   -5.894  -10.012 1.00 23.25 ? 97  ASN A CB  1 
ATOM   216 C CG  . ASN A 1 34 ? 2.830   -6.475  -10.265 1.00 25.69 ? 97  ASN A CG  1 
ATOM   217 O OD1 . ASN A 1 34 ? 2.951   -7.551  -10.833 1.00 26.61 ? 97  ASN A OD1 1 
ATOM   218 N ND2 . ASN A 1 34 ? 3.883   -5.766  -9.839  1.00 20.46 ? 97  ASN A ND2 1 
ATOM   219 N N   . LEU A 1 35 ? -1.868  -5.378  -11.118 1.00 24.20 ? 98  LEU A N   1 
ATOM   220 C CA  . LEU A 1 35 ? -3.217  -5.177  -10.575 1.00 24.72 ? 98  LEU A CA  1 
ATOM   221 C C   . LEU A 1 35 ? -4.054  -6.442  -10.511 1.00 24.21 ? 98  LEU A C   1 
ATOM   222 O O   . LEU A 1 35 ? -4.647  -6.702  -9.446  1.00 24.55 ? 98  LEU A O   1 
ATOM   223 C CB  . LEU A 1 35 ? -3.966  -4.092  -11.359 1.00 27.75 ? 98  LEU A CB  1 
ATOM   224 C CG  . LEU A 1 35 ? -5.362  -3.772  -10.777 1.00 31.71 ? 98  LEU A CG  1 
ATOM   225 C CD1 . LEU A 1 35 ? -5.268  -3.374  -9.309  1.00 28.87 ? 98  LEU A CD1 1 
ATOM   226 C CD2 . LEU A 1 35 ? -6.113  -2.684  -11.571 1.00 32.05 ? 98  LEU A CD2 1 
ATOM   227 N N   . PRO A 1 36 ? -4.187  -7.258  -11.567 1.00 23.88 ? 99  PRO A N   1 
ATOM   228 C CA  . PRO A 1 36 ? -5.103  -8.407  -11.476 1.00 27.84 ? 99  PRO A CA  1 
ATOM   229 C C   . PRO A 1 36 ? -4.860  -9.299  -10.272 1.00 27.38 ? 99  PRO A C   1 
ATOM   230 O O   . PRO A 1 36 ? -5.821  -9.686  -9.591  1.00 24.74 ? 99  PRO A O   1 
ATOM   231 C CB  . PRO A 1 36 ? -4.845  -9.155  -12.790 1.00 31.97 ? 99  PRO A CB  1 
ATOM   232 C CG  . PRO A 1 36 ? -4.430  -8.121  -13.708 1.00 25.87 ? 99  PRO A CG  1 
ATOM   233 C CD  . PRO A 1 36 ? -3.582  -7.179  -12.907 1.00 26.38 ? 99  PRO A CD  1 
ATOM   234 N N   . LYS A 1 37 ? -3.603  -9.629  -9.967  1.00 28.44 ? 100 LYS A N   1 
ATOM   235 C CA  . LYS A 1 37 ? -3.380  -10.470 -8.794  1.00 28.69 ? 100 LYS A CA  1 
ATOM   236 C C   . LYS A 1 37 ? -3.681  -9.690  -7.522  1.00 25.85 ? 100 LYS A C   1 
ATOM   237 O O   . LYS A 1 37 ? -4.326  -10.213 -6.605  1.00 26.25 ? 100 LYS A O   1 
ATOM   238 C CB  . LYS A 1 37 ? -1.950  -11.026 -8.776  1.00 28.83 ? 100 LYS A CB  1 
ATOM   239 C CG  . LYS A 1 37 ? -1.770  -12.199 -9.730  1.00 34.02 ? 100 LYS A CG  1 
ATOM   240 C CD  . LYS A 1 37 ? -0.331  -12.738 -9.854  1.00 40.85 ? 100 LYS A CD  1 
ATOM   241 C CE  . LYS A 1 37 ? 0.687   -11.820 -10.585 1.00 40.42 ? 100 LYS A CE  1 
ATOM   242 N NZ  . LYS A 1 37 ? 1.349   -10.748 -9.727  1.00 25.61 ? 100 LYS A NZ  1 
ATOM   243 N N   . LEU A 1 38 ? -3.271  -8.413  -7.477  1.00 25.27 ? 101 LEU A N   1 
ATOM   244 C CA  . LEU A 1 38 ? -3.484  -7.606  -6.278  1.00 24.78 ? 101 LEU A CA  1 
ATOM   245 C C   . LEU A 1 38 ? -4.966  -7.407  -5.996  1.00 23.39 ? 101 LEU A C   1 
ATOM   246 O O   . LEU A 1 38 ? -5.394  -7.442  -4.840  1.00 24.41 ? 101 LEU A O   1 
ATOM   247 C CB  . LEU A 1 38 ? -2.800  -6.246  -6.429  1.00 22.86 ? 101 LEU A CB  1 
ATOM   248 C CG  . LEU A 1 38 ? -1.297  -6.196  -6.126  1.00 23.88 ? 101 LEU A CG  1 
ATOM   249 C CD1 . LEU A 1 38 ? -0.709  -4.921  -6.701  1.00 23.37 ? 101 LEU A CD1 1 
ATOM   250 C CD2 . LEU A 1 38 ? -1.009  -6.299  -4.636  1.00 24.70 ? 101 LEU A CD2 1 
ATOM   251 N N   . ALA A 1 39 ? -5.763  -7.190  -7.042  1.00 24.60 ? 102 ALA A N   1 
ATOM   252 C CA  . ALA A 1 39 ? -7.178  -6.887  -6.865  1.00 23.96 ? 102 ALA A CA  1 
ATOM   253 C C   . ALA A 1 39 ? -7.985  -8.065  -6.334  1.00 27.02 ? 102 ALA A C   1 
ATOM   254 O O   . ALA A 1 39 ? -9.134  -7.873  -5.922  1.00 26.92 ? 102 ALA A O   1 
ATOM   255 C CB  . ALA A 1 39 ? -7.750  -6.418  -8.196  1.00 24.96 ? 102 ALA A CB  1 
ATOM   256 N N   . LYS A 1 40 ? -7.421  -9.276  -6.316  1.00 30.15 ? 103 LYS A N   1 
ATOM   257 C CA  . LYS A 1 40 ? -8.170  -10.421 -5.805  1.00 30.71 ? 103 LYS A CA  1 
ATOM   258 C C   . LYS A 1 40 ? -8.432  -10.341 -4.311  1.00 32.15 ? 103 LYS A C   1 
ATOM   259 O O   . LYS A 1 40 ? -9.306  -11.055 -3.813  1.00 34.66 ? 103 LYS A O   1 
ATOM   260 C CB  . LYS A 1 40 ? -7.432  -11.725 -6.101  1.00 32.33 ? 103 LYS A CB  1 
ATOM   261 C CG  . LYS A 1 40 ? -7.248  -12.018 -7.557  1.00 31.00 ? 103 LYS A CG  1 
ATOM   262 C CD  . LYS A 1 40 ? -6.784  -13.461 -7.772  1.00 39.71 ? 103 LYS A CD  1 
ATOM   263 C CE  . LYS A 1 40 ? -7.114  -14.378 -6.596  1.00 41.64 ? 103 LYS A CE  1 
ATOM   264 N NZ  . LYS A 1 40 ? -6.690  -15.782 -6.880  1.00 42.74 ? 103 LYS A NZ  1 
ATOM   265 N N   . LYS A 1 41 ? -7.703  -9.507  -3.581  1.00 29.33 ? 104 LYS A N   1 
ATOM   266 C CA  . LYS A 1 41 ? -7.849  -9.445  -2.138  1.00 27.28 ? 104 LYS A CA  1 
ATOM   267 C C   . LYS A 1 41 ? -7.888  -8.000  -1.674  1.00 27.93 ? 104 LYS A C   1 
ATOM   268 O O   . LYS A 1 41 ? -7.187  -7.144  -2.222  1.00 29.43 ? 104 LYS A O   1 
ATOM   269 C CB  . LYS A 1 41 ? -6.695  -10.175 -1.437  1.00 33.30 ? 104 LYS A CB  1 
ATOM   270 C CG  . LYS A 1 41 ? -6.941  -11.659 -1.286  1.00 39.11 ? 104 LYS A CG  1 
ATOM   271 C CD  . LYS A 1 41 ? -5.643  -12.438 -1.097  1.00 46.25 ? 104 LYS A CD  1 
ATOM   272 C CE  . LYS A 1 41 ? -5.284  -12.598 0.376   1.00 48.12 ? 104 LYS A CE  1 
ATOM   273 N NZ  . LYS A 1 41 ? -3.976  -13.313 0.532   1.00 47.89 ? 104 LYS A NZ  1 
ATOM   274 N N   . GLY A 1 42 ? -8.708  -7.732  -0.664  1.00 25.82 ? 105 GLY A N   1 
ATOM   275 C CA  . GLY A 1 42 ? -8.669  -6.461  0.037   1.00 29.59 ? 105 GLY A CA  1 
ATOM   276 C C   . GLY A 1 42 ? -9.492  -5.337  -0.565  1.00 25.58 ? 105 GLY A C   1 
ATOM   277 O O   . GLY A 1 42 ? -9.617  -4.279  0.067   1.00 25.75 ? 105 GLY A O   1 
ATOM   278 N N   . GLY A 1 43 ? -10.024 -5.507  -1.771  1.00 23.62 ? 106 GLY A N   1 
ATOM   279 C CA  . GLY A 1 43 ? -10.883 -4.509  -2.357  1.00 25.19 ? 106 GLY A CA  1 
ATOM   280 C C   . GLY A 1 43 ? -10.165 -3.236  -2.765  1.00 22.78 ? 106 GLY A C   1 
ATOM   281 O O   . GLY A 1 43 ? -8.927  -3.170  -2.820  1.00 21.81 ? 106 GLY A O   1 
ATOM   282 N N   . PRO A 1 44 ? -10.943 -2.191  -3.069  1.00 21.61 ? 107 PRO A N   1 
ATOM   283 C CA  . PRO A 1 44 ? -10.325 -0.955  -3.575  1.00 22.48 ? 107 PRO A CA  1 
ATOM   284 C C   . PRO A 1 44 ? -9.477  -0.261  -2.546  1.00 20.22 ? 107 PRO A C   1 
ATOM   285 O O   . PRO A 1 44 ? -8.563  0.485   -2.917  1.00 18.86 ? 107 PRO A O   1 
ATOM   286 C CB  . PRO A 1 44 ? -11.529 -0.087  -3.973  1.00 21.27 ? 107 PRO A CB  1 
ATOM   287 C CG  . PRO A 1 44 ? -12.664 -0.607  -3.124  1.00 21.60 ? 107 PRO A CG  1 
ATOM   288 C CD  . PRO A 1 44 ? -12.416 -2.099  -3.040  1.00 21.40 ? 107 PRO A CD  1 
ATOM   289 N N   . ASP A 1 45 ? -9.765  -0.462  -1.264  1.00 19.99 ? 108 ASP A N   1 
ATOM   290 C CA  . ASP A 1 45 ? -9.004  0.165   -0.195  1.00 22.53 ? 108 ASP A CA  1 
ATOM   291 C C   . ASP A 1 45 ? -7.844  -0.694  0.271   1.00 21.83 ? 108 ASP A C   1 
ATOM   292 O O   . ASP A 1 45 ? -7.316  -0.449  1.362   1.00 22.53 ? 108 ASP A O   1 
ATOM   293 C CB  . ASP A 1 45 ? -9.908  0.463   0.998   1.00 22.27 ? 108 ASP A CB  1 
ATOM   294 C CG  . ASP A 1 45 ? -10.924 1.514   0.701   1.00 24.95 ? 108 ASP A CG  1 
ATOM   295 O OD1 . ASP A 1 45 ? -10.642 2.436   -0.104  1.00 27.07 ? 108 ASP A OD1 1 
ATOM   296 O OD2 . ASP A 1 45 ? -12.016 1.406   1.281   1.00 28.69 ? 108 ASP A OD2 1 
ATOM   297 N N   . ARG A 1 46 ? -7.448  -1.702  -0.512  1.00 19.25 ? 109 ARG A N   1 
ATOM   298 C CA  . ARG A 1 46 ? -6.345  -2.563  -0.093  1.00 23.11 ? 109 ARG A CA  1 
ATOM   299 C C   . ARG A 1 46 ? -5.116  -1.741  0.274   1.00 21.30 ? 109 ARG A C   1 
ATOM   300 O O   . ARG A 1 46 ? -4.461  -2.005  1.289   1.00 18.47 ? 109 ARG A O   1 
ATOM   301 C CB  . ARG A 1 46 ? -6.002  -3.586  -1.186  1.00 20.74 ? 109 ARG A CB  1 
ATOM   302 C CG  . ARG A 1 46 ? -4.868  -4.540  -0.753  1.00 25.27 ? 109 ARG A CG  1 
ATOM   303 C CD  . ARG A 1 46 ? -4.453  -5.581  -1.781  1.00 23.39 ? 109 ARG A CD  1 
ATOM   304 N NE  . ARG A 1 46 ? -3.346  -6.391  -1.268  1.00 22.58 ? 109 ARG A NE  1 
ATOM   305 C CZ  . ARG A 1 46 ? -2.957  -7.559  -1.765  1.00 26.45 ? 109 ARG A CZ  1 
ATOM   306 N NH1 . ARG A 1 46 ? -3.608  -8.144  -2.757  1.00 22.65 ? 109 ARG A NH1 1 
ATOM   307 N NH2 . ARG A 1 46 ? -1.880  -8.155  -1.254  1.00 24.48 ? 109 ARG A NH2 1 
ATOM   308 N N   . LEU A 1 47 ? -4.791  -0.738  -0.533  1.00 17.15 ? 110 LEU A N   1 
ATOM   309 C CA  . LEU A 1 47 ? -3.604  0.063   -0.259  1.00 19.56 ? 110 LEU A CA  1 
ATOM   310 C C   . LEU A 1 47 ? -3.895  1.160   0.750   1.00 21.75 ? 110 LEU A C   1 
ATOM   311 O O   . LEU A 1 47 ? -3.028  1.485   1.570   1.00 21.86 ? 110 LEU A O   1 
ATOM   312 C CB  . LEU A 1 47 ? -3.055  0.655   -1.564  1.00 17.29 ? 110 LEU A CB  1 
ATOM   313 C CG  . LEU A 1 47 ? -1.916  -0.191  -2.148  1.00 21.63 ? 110 LEU A CG  1 
ATOM   314 C CD1 . LEU A 1 47 ? -2.400  -1.622  -2.451  1.00 18.74 ? 110 LEU A CD1 1 
ATOM   315 C CD2 . LEU A 1 47 ? -1.337  0.497   -3.374  1.00 23.10 ? 110 LEU A CD2 1 
ATOM   316 N N   . ASN A 1 48 ? -5.103  1.737   0.716   1.00 22.20 ? 111 ASN A N   1 
ATOM   317 C CA  . ASN A 1 48 ? -5.493  2.664   1.774   1.00 19.87 ? 111 ASN A CA  1 
ATOM   318 C C   . ASN A 1 48 ? -5.355  2.002   3.137   1.00 21.52 ? 111 ASN A C   1 
ATOM   319 O O   . ASN A 1 48 ? -4.878  2.622   4.092   1.00 20.89 ? 111 ASN A O   1 
ATOM   320 C CB  . ASN A 1 48 ? -6.935  3.151   1.555   1.00 19.39 ? 111 ASN A CB  1 
ATOM   321 C CG  . ASN A 1 48 ? -7.041  4.240   0.491   1.00 22.40 ? 111 ASN A CG  1 
ATOM   322 O OD1 . ASN A 1 48 ? -6.240  5.163   0.462   1.00 26.22 ? 111 ASN A OD1 1 
ATOM   323 N ND2 . ASN A 1 48 ? -8.058  4.151   -0.363  1.00 24.10 ? 111 ASN A ND2 1 
ATOM   324 N N   . ASP A 1 49 ? -5.735  0.730   3.232   1.00 21.76 ? 112 ASP A N   1 
ATOM   325 C CA  . ASP A 1 49 ? -5.669  0.020   4.506   1.00 23.68 ? 112 ASP A CA  1 
ATOM   326 C C   . ASP A 1 49 ? -4.230  -0.287  4.906   1.00 25.94 ? 112 ASP A C   1 
ATOM   327 O O   . ASP A 1 49 ? -3.877  -0.178  6.089   1.00 24.14 ? 112 ASP A O   1 
ATOM   328 C CB  . ASP A 1 49 ? -6.485  -1.270  4.431   1.00 25.65 ? 112 ASP A CB  1 
ATOM   329 C CG  . ASP A 1 49 ? -7.987  -1.019  4.428   1.00 26.05 ? 112 ASP A CG  1 
ATOM   330 O OD1 . ASP A 1 49 ? -8.424  0.087   4.806   1.00 28.36 ? 112 ASP A OD1 1 
ATOM   331 O OD2 . ASP A 1 49 ? -8.726  -1.944  4.044   1.00 28.49 ? 112 ASP A OD2 1 
ATOM   332 N N   . ALA A 1 50 ? -3.387  -0.695  3.950   1.00 22.02 ? 113 ALA A N   1 
ATOM   333 C CA  . ALA A 1 50 ? -1.988  -0.958  4.290   1.00 21.04 ? 113 ALA A CA  1 
ATOM   334 C C   . ALA A 1 50 ? -1.284  0.304   4.758   1.00 20.71 ? 113 ALA A C   1 
ATOM   335 O O   . ALA A 1 50 ? -0.433  0.241   5.652   1.00 24.40 ? 113 ALA A O   1 
ATOM   336 C CB  . ALA A 1 50 ? -1.241  -1.551  3.096   1.00 19.85 ? 113 ALA A CB  1 
ATOM   337 N N   . LEU A 1 51 ? -1.644  1.457   4.186   1.00 22.69 ? 114 LEU A N   1 
ATOM   338 C CA  . LEU A 1 51 ? -1.040  2.719   4.599   1.00 24.54 ? 114 LEU A CA  1 
ATOM   339 C C   . LEU A 1 51 ? -1.300  3.002   6.070   1.00 23.46 ? 114 LEU A C   1 
ATOM   340 O O   . LEU A 1 51 ? -0.433  3.545   6.766   1.00 24.23 ? 114 LEU A O   1 
ATOM   341 C CB  . LEU A 1 51 ? -1.573  3.857   3.726   1.00 23.89 ? 114 LEU A CB  1 
ATOM   342 C CG  . LEU A 1 51 ? -0.978  5.249   3.922   1.00 23.06 ? 114 LEU A CG  1 
ATOM   343 C CD1 . LEU A 1 51 ? 0.546   5.216   3.773   1.00 21.57 ? 114 LEU A CD1 1 
ATOM   344 C CD2 . LEU A 1 51 ? -1.573  6.214   2.920   1.00 24.72 ? 114 LEU A CD2 1 
ATOM   345 N N   . LYS A 1 52 ? -2.490  2.653   6.570   1.00 23.96 ? 115 LYS A N   1 
ATOM   346 C CA  . LYS A 1 52 ? -2.733  2.810   8.001   1.00 22.73 ? 115 LYS A CA  1 
ATOM   347 C C   . LYS A 1 52 ? -1.749  1.980   8.821   1.00 25.48 ? 115 LYS A C   1 
ATOM   348 O O   . LYS A 1 52 ? -1.224  2.450   9.838   1.00 25.41 ? 115 LYS A O   1 
ATOM   349 C CB  . LYS A 1 52 ? -4.174  2.434   8.346   1.00 26.98 ? 115 LYS A CB  1 
ATOM   350 C CG  . LYS A 1 52 ? -5.226  3.247   7.597   1.00 28.05 ? 115 LYS A CG  1 
ATOM   351 C CD  . LYS A 1 52 ? -6.633  2.703   7.854   1.00 32.88 ? 115 LYS A CD  1 
ATOM   352 C CE  . LYS A 1 52 ? -7.698  3.692   7.375   1.00 34.73 ? 115 LYS A CE  1 
ATOM   353 N NZ  . LYS A 1 52 ? -9.080  3.200   7.603   1.00 38.82 ? 115 LYS A NZ  1 
ATOM   354 N N   . LYS A 1 53 ? -1.483  0.743   8.396   1.00 24.00 ? 116 LYS A N   1 
ATOM   355 C CA  . LYS A 1 53 ? -0.547  -0.092  9.137   1.00 23.71 ? 116 LYS A CA  1 
ATOM   356 C C   . LYS A 1 53 ? 0.886   0.397   8.993   1.00 25.71 ? 116 LYS A C   1 
ATOM   357 O O   . LYS A 1 53 ? 1.678   0.278   9.937   1.00 22.36 ? 116 LYS A O   1 
ATOM   358 C CB  . LYS A 1 53 ? -0.666  -1.546  8.692   1.00 24.90 ? 116 LYS A CB  1 
ATOM   359 C CG  . LYS A 1 53 ? -2.060  -2.107  8.826   1.00 27.55 ? 116 LYS A CG  1 
ATOM   360 C CD  . LYS A 1 53 ? -2.147  -3.515  8.282   1.00 30.72 ? 116 LYS A CD  1 
ATOM   361 C CE  . LYS A 1 53 ? -3.567  -4.058  8.384   1.00 34.81 ? 116 LYS A CE  1 
ATOM   362 N NZ  . LYS A 1 53 ? -3.693  -5.423  7.789   1.00 40.49 ? 116 LYS A NZ  1 
ATOM   363 N N   . LEU A 1 54 ? 1.234   0.952   7.827   1.00 23.92 ? 117 LEU A N   1 
ATOM   364 C CA  . LEU A 1 54 ? 2.552   1.556   7.650   1.00 26.41 ? 117 LEU A CA  1 
ATOM   365 C C   . LEU A 1 54 ? 2.735   2.760   8.571   1.00 25.89 ? 117 LEU A C   1 
ATOM   366 O O   . LEU A 1 54 ? 3.793   2.927   9.193   1.00 24.10 ? 117 LEU A O   1 
ATOM   367 C CB  . LEU A 1 54 ? 2.736   1.943   6.178   1.00 25.45 ? 117 LEU A CB  1 
ATOM   368 C CG  . LEU A 1 54 ? 4.073   2.498   5.690   1.00 26.01 ? 117 LEU A CG  1 
ATOM   369 C CD1 . LEU A 1 54 ? 5.287   1.724   6.200   1.00 21.76 ? 117 LEU A CD1 1 
ATOM   370 C CD2 . LEU A 1 54 ? 4.067   2.607   4.175   1.00 18.64 ? 117 LEU A CD2 1 
ATOM   371 N N   . ARG A 1 55 ? 1.705   3.597   8.693   1.00 28.55 ? 118 ARG A N   1 
ATOM   372 C CA  . ARG A 1 55 ? 1.780   4.736   9.604   1.00 28.90 ? 118 ARG A CA  1 
ATOM   373 C C   . ARG A 1 55 ? 2.073   4.291   11.041  1.00 29.88 ? 118 ARG A C   1 
ATOM   374 O O   . ARG A 1 55 ? 2.792   4.977   11.777  1.00 31.20 ? 118 ARG A O   1 
ATOM   375 C CB  . ARG A 1 55 ? 0.477   5.539   9.517   1.00 32.35 ? 118 ARG A CB  1 
ATOM   376 C CG  . ARG A 1 55 ? 0.142   6.398   10.736  1.00 36.55 ? 118 ARG A CG  1 
ATOM   377 C CD  . ARG A 1 55 ? -1.255  6.999   10.587  1.00 39.13 ? 118 ARG A CD  1 
ATOM   378 N NE  . ARG A 1 55 ? -1.350  8.375   11.065  1.00 48.10 ? 118 ARG A NE  1 
ATOM   379 C CZ  . ARG A 1 55 ? -2.193  9.277   10.581  1.00 45.78 ? 118 ARG A CZ  1 
ATOM   380 N NH1 . ARG A 1 55 ? -3.016  8.988   9.587   1.00 43.82 ? 118 ARG A NH1 1 
ATOM   381 N NH2 . ARG A 1 55 ? -2.214  10.497  11.110  1.00 52.35 ? 118 ARG A NH2 1 
ATOM   382 N N   . LYS A 1 56 ? 1.541   3.141   11.458  1.00 32.23 ? 119 LYS A N   1 
ATOM   383 C CA  . LYS A 1 56 ? 1.882   2.610   12.778  1.00 29.33 ? 119 LYS A CA  1 
ATOM   384 C C   . LYS A 1 56 ? 3.323   2.107   12.831  1.00 31.21 ? 119 LYS A C   1 
ATOM   385 O O   . LYS A 1 56 ? 4.005   2.266   13.851  1.00 33.88 ? 119 LYS A O   1 
ATOM   386 C CB  . LYS A 1 56 ? 0.908   1.496   13.164  1.00 31.87 ? 119 LYS A CB  1 
ATOM   387 C CG  . LYS A 1 56 ? 0.913   1.167   14.651  1.00 34.41 ? 119 LYS A CG  1 
ATOM   388 C CD  . LYS A 1 56 ? -0.437  0.656   15.144  1.00 38.29 ? 119 LYS A CD  1 
ATOM   389 C CE  . LYS A 1 56 ? -0.247  -0.553  16.060  1.00 40.69 ? 119 LYS A CE  1 
ATOM   390 N NZ  . LYS A 1 56 ? -0.391  -0.243  17.518  1.00 31.67 ? 119 LYS A NZ  1 
ATOM   391 N N   . ALA A 1 57 ? 3.809   1.503   11.747  1.00 25.24 ? 120 ALA A N   1 
ATOM   392 C CA  . ALA A 1 57 ? 5.194   1.049   11.692  1.00 27.11 ? 120 ALA A CA  1 
ATOM   393 C C   . ALA A 1 57 ? 6.194   2.197   11.534  1.00 32.05 ? 120 ALA A C   1 
ATOM   394 O O   . ALA A 1 57 ? 7.410   1.958   11.605  1.00 29.11 ? 120 ALA A O   1 
ATOM   395 C CB  . ALA A 1 57 ? 5.366   0.049   10.544  1.00 25.41 ? 120 ALA A CB  1 
ATOM   396 N N   . GLY A 1 58 ? 5.723   3.426   11.321  1.00 25.91 ? 121 GLY A N   1 
ATOM   397 C CA  . GLY A 1 58 ? 6.612   4.559   11.180  1.00 25.23 ? 121 GLY A CA  1 
ATOM   398 C C   . GLY A 1 58 ? 6.777   5.029   9.756   1.00 22.39 ? 121 GLY A C   1 
ATOM   399 O O   . GLY A 1 58 ? 7.240   4.302   8.883   1.00 26.59 ? 121 GLY A O   1 
ATOM   400 N N   . ILE A 1 59 ? 6.398   6.281   9.512   1.00 22.23 ? 122 ILE A N   1 
ATOM   401 C CA  . ILE A 1 59 ? 6.479   6.863   8.188   1.00 25.18 ? 122 ILE A CA  1 
ATOM   402 C C   . ILE A 1 59 ? 6.586   8.364   8.375   1.00 20.74 ? 122 ILE A C   1 
ATOM   403 O O   . ILE A 1 59 ? 6.063   8.921   9.339   1.00 23.83 ? 122 ILE A O   1 
ATOM   404 C CB  . ILE A 1 59 ? 5.245   6.465   7.335   1.00 24.04 ? 122 ILE A CB  1 
ATOM   405 C CG1 . ILE A 1 59 ? 5.481   6.756   5.857   1.00 26.95 ? 122 ILE A CG1 1 
ATOM   406 C CG2 . ILE A 1 59 ? 3.986   7.176   7.846   1.00 24.30 ? 122 ILE A CG2 1 
ATOM   407 C CD1 . ILE A 1 59 ? 4.283   6.382   4.967   1.00 24.60 ? 122 ILE A CD1 1 
ATOM   408 N N   . SER A 1 60 ? 7.283   9.020   7.459   1.00 21.77 ? 123 SER A N   1 
ATOM   409 C CA  . SER A 1 60 ? 7.365   10.468  7.523   1.00 24.81 ? 123 SER A CA  1 
ATOM   410 C C   . SER A 1 60 ? 6.085   11.092  6.963   1.00 30.15 ? 123 SER A C   1 
ATOM   411 O O   . SER A 1 60 ? 5.333   10.467  6.202   1.00 25.72 ? 123 SER A O   1 
ATOM   412 C CB  . SER A 1 60 ? 8.582   10.972  6.752   1.00 28.75 ? 123 SER A CB  1 
ATOM   413 O OG  . SER A 1 60 ? 8.349   10.908  5.357   1.00 26.12 ? 123 SER A OG  1 
ATOM   414 N N   . GLU A 1 61 ? 5.830   12.343  7.355   1.00 29.88 ? 124 GLU A N   1 
ATOM   415 C CA  . GLU A 1 61 ? 4.678   13.050  6.799   1.00 33.53 ? 124 GLU A CA  1 
ATOM   416 C C   . GLU A 1 61 ? 4.787   13.177  5.282   1.00 27.86 ? 124 GLU A C   1 
ATOM   417 O O   . GLU A 1 61 ? 3.785   13.051  4.575   1.00 30.04 ? 124 GLU A O   1 
ATOM   418 C CB  . GLU A 1 61 ? 4.519   14.423  7.455   1.00 34.22 ? 124 GLU A CB  1 
ATOM   419 C CG  . GLU A 1 61 ? 3.611   14.395  8.684   1.00 40.62 ? 124 GLU A CG  1 
ATOM   420 C CD  . GLU A 1 61 ? 3.699   15.659  9.519   1.00 50.46 ? 124 GLU A CD  1 
ATOM   421 O OE1 . GLU A 1 61 ? 4.319   16.641  9.049   1.00 48.21 ? 124 GLU A OE1 1 
ATOM   422 O OE2 . GLU A 1 61 ? 3.155   15.662  10.648  1.00 49.99 ? 124 GLU A OE2 1 
ATOM   423 N N   . GLU A 1 62 ? 5.996   13.397  4.764   1.00 30.81 ? 125 GLU A N   1 
ATOM   424 C CA  . GLU A 1 62 ? 6.205   13.480  3.318   1.00 30.00 ? 125 GLU A CA  1 
ATOM   425 C C   . GLU A 1 62 ? 5.891   12.162  2.606   1.00 30.11 ? 125 GLU A C   1 
ATOM   426 O O   . GLU A 1 62 ? 5.169   12.148  1.598   1.00 27.71 ? 125 GLU A O   1 
ATOM   427 C CB  . GLU A 1 62 ? 7.636   13.936  3.036   1.00 32.44 ? 125 GLU A CB  1 
ATOM   428 C CG  . GLU A 1 62 ? 7.935   15.361  3.498   1.00 42.84 ? 125 GLU A CG  1 
ATOM   429 C CD  . GLU A 1 62 ? 8.052   15.515  5.001   1.00 43.50 ? 125 GLU A CD  1 
ATOM   430 O OE1 . GLU A 1 62 ? 8.373   14.522  5.695   1.00 44.18 ? 125 GLU A OE1 1 
ATOM   431 O OE2 . GLU A 1 62 ? 7.753   16.633  5.487   1.00 48.94 ? 125 GLU A OE2 1 
ATOM   432 N N   . LYS A 1 63 ? 6.431   11.046  3.099   1.00 28.29 ? 126 LYS A N   1 
ATOM   433 C CA  . LYS A 1 63 ? 6.152   9.757   2.463   1.00 26.62 ? 126 LYS A CA  1 
ATOM   434 C C   . LYS A 1 63 ? 4.681   9.380   2.603   1.00 25.93 ? 126 LYS A C   1 
ATOM   435 O O   . LYS A 1 63 ? 4.096   8.786   1.684   1.00 23.99 ? 126 LYS A O   1 
ATOM   436 C CB  . LYS A 1 63 ? 7.035   8.668   3.070   1.00 27.07 ? 126 LYS A CB  1 
ATOM   437 C CG  . LYS A 1 63 ? 7.091   7.367   2.266   1.00 26.92 ? 126 LYS A CG  1 
ATOM   438 C CD  . LYS A 1 63 ? 7.725   7.621   0.905   1.00 27.51 ? 126 LYS A CD  1 
ATOM   439 C CE  . LYS A 1 63 ? 8.053   6.334   0.205   1.00 32.20 ? 126 LYS A CE  1 
ATOM   440 N NZ  . LYS A 1 63 ? 8.515   6.563   -1.190  1.00 32.18 ? 126 LYS A NZ  1 
ATOM   441 N N   . PHE A 1 64 ? 4.067   9.704   3.741   1.00 24.87 ? 127 PHE A N   1 
ATOM   442 C CA  . PHE A 1 64 ? 2.639   9.439   3.907   1.00 27.45 ? 127 PHE A CA  1 
ATOM   443 C C   . PHE A 1 64 ? 1.825   10.141  2.837   1.00 26.39 ? 127 PHE A C   1 
ATOM   444 O O   . PHE A 1 64 ? 0.908   9.551   2.254   1.00 25.76 ? 127 PHE A O   1 
ATOM   445 C CB  . PHE A 1 64 ? 2.166   9.874   5.288   1.00 27.54 ? 127 PHE A CB  1 
ATOM   446 C CG  . PHE A 1 64 ? 0.751   9.489   5.583   1.00 28.14 ? 127 PHE A CG  1 
ATOM   447 C CD1 . PHE A 1 64 ? 0.459   8.263   6.151   1.00 27.33 ? 127 PHE A CD1 1 
ATOM   448 C CD2 . PHE A 1 64 ? -0.293  10.352  5.279   1.00 28.08 ? 127 PHE A CD2 1 
ATOM   449 C CE1 . PHE A 1 64 ? -0.846  7.911   6.429   1.00 30.96 ? 127 PHE A CE1 1 
ATOM   450 C CE2 . PHE A 1 64 ? -1.593  9.996   5.537   1.00 29.35 ? 127 PHE A CE2 1 
ATOM   451 C CZ  . PHE A 1 64 ? -1.868  8.776   6.121   1.00 31.97 ? 127 PHE A CZ  1 
ATOM   452 N N   . ALA A 1 65 ? 2.130   11.414  2.583   1.00 27.24 ? 128 ALA A N   1 
ATOM   453 C CA  . ALA A 1 65 ? 1.380   12.163  1.583   1.00 25.95 ? 128 ALA A CA  1 
ATOM   454 C C   . ALA A 1 65 ? 1.569   11.563  0.196   1.00 26.35 ? 128 ALA A C   1 
ATOM   455 O O   . ALA A 1 65 ? 0.620   11.483  -0.589  1.00 25.95 ? 128 ALA A O   1 
ATOM   456 C CB  . ALA A 1 65 ? 1.801   13.633  1.595   1.00 25.44 ? 128 ALA A CB  1 
ATOM   457 N N   . GLU A 1 66 ? 2.786   11.132  -0.124  1.00 26.80 ? 129 GLU A N   1 
ATOM   458 C CA  . GLU A 1 66 ? 2.992   10.466  -1.404  1.00 25.88 ? 129 GLU A CA  1 
ATOM   459 C C   . GLU A 1 66 ? 2.141   9.206   -1.496  1.00 25.52 ? 129 GLU A C   1 
ATOM   460 O O   . GLU A 1 66 ? 1.413   9.002   -2.476  1.00 23.62 ? 129 GLU A O   1 
ATOM   461 C CB  . GLU A 1 66 ? 4.464   10.126  -1.597  1.00 25.81 ? 129 GLU A CB  1 
ATOM   462 C CG  . GLU A 1 66 ? 4.762   9.620   -2.986  1.00 30.60 ? 129 GLU A CG  1 
ATOM   463 C CD  . GLU A 1 66 ? 5.951   8.693   -3.024  1.00 32.62 ? 129 GLU A CD  1 
ATOM   464 O OE1 . GLU A 1 66 ? 6.904   8.924   -2.259  1.00 30.50 ? 129 GLU A OE1 1 
ATOM   465 O OE2 . GLU A 1 66 ? 5.946   7.758   -3.848  1.00 36.30 ? 129 GLU A OE2 1 
ATOM   466 N N   . LEU A 1 67 ? 2.195   8.357   -0.467  1.00 20.94 ? 130 LEU A N   1 
ATOM   467 C CA  . LEU A 1 67 ? 1.507   7.073   -0.574  1.00 23.16 ? 130 LEU A CA  1 
ATOM   468 C C   . LEU A 1 67 ? -0.002  7.226   -0.438  1.00 22.32 ? 130 LEU A C   1 
ATOM   469 O O   . LEU A 1 67 ? -0.758  6.394   -0.947  1.00 22.20 ? 130 LEU A O   1 
ATOM   470 C CB  . LEU A 1 67 ? 2.067   6.101   0.464   1.00 21.80 ? 130 LEU A CB  1 
ATOM   471 C CG  . LEU A 1 67 ? 3.572   5.809   0.305   1.00 20.64 ? 130 LEU A CG  1 
ATOM   472 C CD1 . LEU A 1 67 ? 4.005   4.716   1.256   1.00 21.79 ? 130 LEU A CD1 1 
ATOM   473 C CD2 . LEU A 1 67 ? 3.912   5.437   -1.122  1.00 23.51 ? 130 LEU A CD2 1 
ATOM   474 N N   . LYS A 1 68 ? -0.460  8.260   0.271   1.00 22.70 ? 131 LYS A N   1 
ATOM   475 C CA  . LYS A 1 68 ? -1.879  8.601   0.251   1.00 23.43 ? 131 LYS A CA  1 
ATOM   476 C C   . LYS A 1 68 ? -2.366  8.766   -1.181  1.00 20.31 ? 131 LYS A C   1 
ATOM   477 O O   . LYS A 1 68 ? -3.430  8.255   -1.548  1.00 23.53 ? 131 LYS A O   1 
ATOM   478 C CB  . LYS A 1 68 ? -2.118  9.880   1.066   1.00 24.09 ? 131 LYS A CB  1 
ATOM   479 C CG  . LYS A 1 68 ? -3.571  10.349  1.112   1.00 30.81 ? 131 LYS A CG  1 
ATOM   480 C CD  . LYS A 1 68 ? -3.797  11.418  2.166   1.00 35.97 ? 131 LYS A CD  1 
ATOM   481 C CE  . LYS A 1 68 ? -5.278  11.811  2.224   1.00 43.71 ? 131 LYS A CE  1 
ATOM   482 N NZ  . LYS A 1 68 ? -5.556  12.777  3.325   1.00 55.70 ? 131 LYS A NZ  1 
ATOM   483 N N   . GLY A 1 69 ? -1.578  9.447   -2.015  1.00 23.01 ? 132 GLY A N   1 
ATOM   484 C CA  . GLY A 1 69 ? -1.950  9.603   -3.409  1.00 22.09 ? 132 GLY A CA  1 
ATOM   485 C C   . GLY A 1 69 ? -1.902  8.287   -4.159  1.00 24.37 ? 132 GLY A C   1 
ATOM   486 O O   . GLY A 1 69 ? -2.812  7.960   -4.922  1.00 20.37 ? 132 GLY A O   1 
ATOM   487 N N   . ALA A 1 70 ? -0.850  7.500   -3.933  1.00 23.79 ? 133 ALA A N   1 
ATOM   488 C CA  . ALA A 1 70 ? -0.747  6.212   -4.604  1.00 20.18 ? 133 ALA A CA  1 
ATOM   489 C C   . ALA A 1 70 ? -1.894  5.298   -4.207  1.00 20.98 ? 133 ALA A C   1 
ATOM   490 O O   . ALA A 1 70 ? -2.426  4.559   -5.054  1.00 18.96 ? 133 ALA A O   1 
ATOM   491 C CB  . ALA A 1 70 ? 0.596   5.559   -4.281  1.00 21.64 ? 133 ALA A CB  1 
ATOM   492 N N   . ALA A 1 71 ? -2.302  5.340   -2.925  1.00 19.75 ? 134 ALA A N   1 
ATOM   493 C CA  . ALA A 1 71 ? -3.390  4.477   -2.469  1.00 19.95 ? 134 ALA A CA  1 
ATOM   494 C C   . ALA A 1 71 ? -4.709  4.869   -3.112  1.00 20.36 ? 134 ALA A C   1 
ATOM   495 O O   . ALA A 1 71 ? -5.542  4.000   -3.381  1.00 19.32 ? 134 ALA A O   1 
ATOM   496 C CB  . ALA A 1 71 ? -3.509  4.503   -0.934  1.00 17.65 ? 134 ALA A CB  1 
ATOM   497 N N   . ALA A 1 72 ? -4.911  6.165   -3.375  1.00 18.02 ? 135 ALA A N   1 
ATOM   498 C CA  . ALA A 1 72 ? -6.110  6.601   -4.082  1.00 19.24 ? 135 ALA A CA  1 
ATOM   499 C C   . ALA A 1 72 ? -6.066  6.182   -5.552  1.00 20.44 ? 135 ALA A C   1 
ATOM   500 O O   . ALA A 1 72 ? -7.095  5.811   -6.132  1.00 18.93 ? 135 ALA A O   1 
ATOM   501 C CB  . ALA A 1 72 ? -6.265  8.116   -3.938  1.00 19.26 ? 135 ALA A CB  1 
ATOM   502 N N   . LYS A 1 73 ? -4.887  6.218   -6.173  1.00 19.10 ? 136 LYS A N   1 
ATOM   503 C CA  . LYS A 1 73 ? -4.801  5.744   -7.548  1.00 19.67 ? 136 LYS A CA  1 
ATOM   504 C C   . LYS A 1 73 ? -5.080  4.250   -7.625  1.00 20.98 ? 136 LYS A C   1 
ATOM   505 O O   . LYS A 1 73 ? -5.728  3.782   -8.569  1.00 18.97 ? 136 LYS A O   1 
ATOM   506 C CB  . LYS A 1 73 ? -3.433  6.055   -8.157  1.00 22.77 ? 136 LYS A CB  1 
ATOM   507 C CG  . LYS A 1 73 ? -3.297  5.505   -9.586  1.00 24.53 ? 136 LYS A CG  1 
ATOM   508 C CD  . LYS A 1 73 ? -1.854  5.562   -10.088 1.00 33.79 ? 136 LYS A CD  1 
ATOM   509 C CE  . LYS A 1 73 ? -1.760  5.133   -11.549 1.00 34.40 ? 136 LYS A CE  1 
ATOM   510 N NZ  . LYS A 1 73 ? -2.350  3.786   -11.781 1.00 33.45 ? 136 LYS A NZ  1 
ATOM   511 N N   . TYR A 1 74 ? -4.615  3.487   -6.630  1.00 20.72 ? 137 TYR A N   1 
ATOM   512 C CA  . TYR A 1 74 ? -4.947  2.071   -6.578  1.00 19.65 ? 137 TYR A CA  1 
ATOM   513 C C   . TYR A 1 74 ? -6.455  1.873   -6.545  1.00 20.01 ? 137 TYR A C   1 
ATOM   514 O O   . TYR A 1 74 ? -7.005  1.070   -7.304  1.00 19.96 ? 137 TYR A O   1 
ATOM   515 C CB  . TYR A 1 74 ? -4.304  1.395   -5.363  1.00 21.20 ? 137 TYR A CB  1 
ATOM   516 C CG  . TYR A 1 74 ? -4.595  -0.089  -5.362  1.00 18.39 ? 137 TYR A CG  1 
ATOM   517 C CD1 . TYR A 1 74 ? -3.847  -0.959  -6.147  1.00 19.40 ? 137 TYR A CD1 1 
ATOM   518 C CD2 . TYR A 1 74 ? -5.659  -0.610  -4.648  1.00 17.09 ? 137 TYR A CD2 1 
ATOM   519 C CE1 . TYR A 1 74 ? -4.128  -2.314  -6.171  1.00 20.43 ? 137 TYR A CE1 1 
ATOM   520 C CE2 . TYR A 1 74 ? -5.950  -1.950  -4.675  1.00 19.89 ? 137 TYR A CE2 1 
ATOM   521 C CZ  . TYR A 1 74 ? -5.179  -2.801  -5.436  1.00 20.41 ? 137 TYR A CZ  1 
ATOM   522 O OH  . TYR A 1 74 ? -5.466  -4.144  -5.456  1.00 21.46 ? 137 TYR A OH  1 
ATOM   523 N N   . ALA A 1 75 ? -7.139  2.591   -5.652  1.00 20.46 ? 138 ALA A N   1 
ATOM   524 C CA  . ALA A 1 75 ? -8.593  2.474   -5.580  1.00 20.56 ? 138 ALA A CA  1 
ATOM   525 C C   . ALA A 1 75 ? -9.225  2.798   -6.925  1.00 19.11 ? 138 ALA A C   1 
ATOM   526 O O   . ALA A 1 75 ? -10.100 2.065   -7.404  1.00 19.33 ? 138 ALA A O   1 
ATOM   527 C CB  . ALA A 1 75 ? -9.137  3.397   -4.483  1.00 19.16 ? 138 ALA A CB  1 
ATOM   528 N N   . ASP A 1 76 ? -8.749  3.862   -7.570  1.00 20.85 ? 139 ASP A N   1 
ATOM   529 C CA  . ASP A 1 76 ? -9.259  4.248   -8.883  1.00 23.36 ? 139 ASP A CA  1 
ATOM   530 C C   . ASP A 1 76 ? -9.022  3.146   -9.909  1.00 25.09 ? 139 ASP A C   1 
ATOM   531 O O   . ASP A 1 76 ? -9.941  2.763   -10.644 1.00 22.75 ? 139 ASP A O   1 
ATOM   532 C CB  . ASP A 1 76 ? -8.605  5.559   -9.309  1.00 21.05 ? 139 ASP A CB  1 
ATOM   533 C CG  . ASP A 1 76 ? -9.318  6.228   -10.462 1.00 31.30 ? 139 ASP A CG  1 
ATOM   534 O OD1 . ASP A 1 76 ? -10.331 6.922   -10.213 1.00 33.07 ? 139 ASP A OD1 1 
ATOM   535 O OD2 . ASP A 1 76 ? -8.846  6.070   -11.614 1.00 33.39 ? 139 ASP A OD2 1 
ATOM   536 N N   . ASP A 1 77 ? -7.793  2.604   -9.955  1.00 22.80 ? 140 ASP A N   1 
ATOM   537 C CA  . ASP A 1 77 ? -7.500  1.483   -10.841 1.00 23.69 ? 140 ASP A CA  1 
ATOM   538 C C   . ASP A 1 77 ? -8.413  0.294   -10.556 1.00 25.98 ? 140 ASP A C   1 
ATOM   539 O O   . ASP A 1 77 ? -8.843  -0.406  -11.481 1.00 23.11 ? 140 ASP A O   1 
ATOM   540 C CB  . ASP A 1 77 ? -6.026  1.048   -10.715 1.00 23.73 ? 140 ASP A CB  1 
ATOM   541 C CG  . ASP A 1 77 ? -5.030  2.112   -11.179 1.00 29.07 ? 140 ASP A CG  1 
ATOM   542 O OD1 . ASP A 1 77 ? -5.420  3.010   -11.943 1.00 27.13 ? 140 ASP A OD1 1 
ATOM   543 O OD2 . ASP A 1 77 ? -3.833  2.033   -10.781 1.00 28.07 ? 140 ASP A OD2 1 
ATOM   544 N N   . TRP A 1 78 ? -8.707  0.041   -9.271  1.00 22.01 ? 141 TRP A N   1 
ATOM   545 C CA  . TRP A 1 78 ? -9.508  -1.116  -8.898  1.00 21.60 ? 141 TRP A CA  1 
ATOM   546 C C   . TRP A 1 78 ? -10.951 -0.939  -9.357  1.00 20.29 ? 141 TRP A C   1 
ATOM   547 O O   . TRP A 1 78 ? -11.547 -1.856  -9.937  1.00 25.85 ? 141 TRP A O   1 
ATOM   548 C CB  . TRP A 1 78 ? -9.443  -1.328  -7.372  1.00 19.00 ? 141 TRP A CB  1 
ATOM   549 C CG  . TRP A 1 78 ? -10.015 -2.635  -6.868  1.00 21.20 ? 141 TRP A CG  1 
ATOM   550 C CD1 . TRP A 1 78 ? -9.299  -3.730  -6.474  1.00 23.85 ? 141 TRP A CD1 1 
ATOM   551 C CD2 . TRP A 1 78 ? -11.400 -2.966  -6.644  1.00 20.81 ? 141 TRP A CD2 1 
ATOM   552 N NE1 . TRP A 1 78 ? -10.142 -4.730  -6.064  1.00 24.17 ? 141 TRP A NE1 1 
ATOM   553 C CE2 . TRP A 1 78 ? -11.437 -4.284  -6.146  1.00 22.50 ? 141 TRP A CE2 1 
ATOM   554 C CE3 . TRP A 1 78 ? -12.612 -2.279  -6.825  1.00 21.50 ? 141 TRP A CE3 1 
ATOM   555 C CZ2 . TRP A 1 78 ? -12.637 -4.939  -5.831  1.00 23.38 ? 141 TRP A CZ2 1 
ATOM   556 C CZ3 . TRP A 1 78 ? -13.800 -2.927  -6.519  1.00 23.75 ? 141 TRP A CZ3 1 
ATOM   557 C CH2 . TRP A 1 78 ? -13.806 -4.250  -6.029  1.00 22.81 ? 141 TRP A CH2 1 
ATOM   558 N N   . TYR A 1 79 ? -11.528 0.233   -9.095  1.00 19.59 ? 142 TYR A N   1 
ATOM   559 C CA  . TYR A 1 79 ? -12.895 0.503   -9.529  1.00 24.04 ? 142 TYR A CA  1 
ATOM   560 C C   . TYR A 1 79 ? -13.011 0.413   -11.040 1.00 27.28 ? 142 TYR A C   1 
ATOM   561 O O   . TYR A 1 79 ? -14.041 -0.024  -11.564 1.00 25.40 ? 142 TYR A O   1 
ATOM   562 C CB  . TYR A 1 79 ? -13.340 1.892   -9.067  1.00 22.88 ? 142 TYR A CB  1 
ATOM   563 C CG  . TYR A 1 79 ? -13.598 1.996   -7.593  1.00 21.16 ? 142 TYR A CG  1 
ATOM   564 C CD1 . TYR A 1 79 ? -14.435 1.097   -6.946  1.00 22.91 ? 142 TYR A CD1 1 
ATOM   565 C CD2 . TYR A 1 79 ? -13.013 3.006   -6.848  1.00 23.52 ? 142 TYR A CD2 1 
ATOM   566 C CE1 . TYR A 1 79 ? -14.668 1.192   -5.592  1.00 21.54 ? 142 TYR A CE1 1 
ATOM   567 C CE2 . TYR A 1 79 ? -13.241 3.107   -5.485  1.00 25.12 ? 142 TYR A CE2 1 
ATOM   568 C CZ  . TYR A 1 79 ? -14.069 2.202   -4.870  1.00 21.08 ? 142 TYR A CZ  1 
ATOM   569 O OH  . TYR A 1 79 ? -14.280 2.310   -3.525  1.00 23.48 ? 142 TYR A OH  1 
ATOM   570 N N   . ARG A 1 80 ? -11.961 0.833   -11.755 1.00 27.71 ? 143 ARG A N   1 
ATOM   571 C CA  . ARG A 1 80 ? -12.053 0.924   -13.204 1.00 31.59 ? 143 ARG A CA  1 
ATOM   572 C C   . ARG A 1 80 ? -12.390 -0.422  -13.820 1.00 31.65 ? 143 ARG A C   1 
ATOM   573 O O   . ARG A 1 80 ? -13.075 -0.480  -14.844 1.00 33.17 ? 143 ARG A O   1 
ATOM   574 C CB  . ARG A 1 80 ? -10.744 1.465   -13.780 1.00 33.00 ? 143 ARG A CB  1 
ATOM   575 C CG  . ARG A 1 80 ? -10.751 1.577   -15.289 1.00 40.67 ? 143 ARG A CG  1 
ATOM   576 C CD  . ARG A 1 80 ? -9.554  2.360   -15.795 1.00 44.22 ? 143 ARG A CD  1 
ATOM   577 N NE  . ARG A 1 80 ? -9.131  3.436   -14.900 1.00 44.85 ? 143 ARG A NE  1 
ATOM   578 C CZ  . ARG A 1 80 ? -9.809  4.555   -14.662 1.00 50.69 ? 143 ARG A CZ  1 
ATOM   579 N NH1 . ARG A 1 80 ? -11.049 4.725   -15.099 1.00 53.77 ? 143 ARG A NH1 1 
ATOM   580 N NH2 . ARG A 1 80 ? -9.229  5.526   -13.961 1.00 46.96 ? 143 ARG A NH2 1 
ATOM   581 N N   . ILE A 1 81 ? -11.965 -1.517  -13.188 1.00 31.33 ? 144 ILE A N   1 
ATOM   582 C CA  . ILE A 1 81 ? -12.091 -2.845  -13.753 1.00 28.91 ? 144 ILE A CA  1 
ATOM   583 C C   . ILE A 1 81 ? -13.066 -3.716  -12.954 1.00 31.29 ? 144 ILE A C   1 
ATOM   584 O O   . ILE A 1 81 ? -13.839 -4.477  -13.534 1.00 29.20 ? 144 ILE A O   1 
ATOM   585 C CB  . ILE A 1 81 ? -10.700 -3.509  -13.842 1.00 32.43 ? 144 ILE A CB  1 
ATOM   586 C CG1 . ILE A 1 81 ? -9.994  -3.075  -15.126 1.00 36.99 ? 144 ILE A CG1 1 
ATOM   587 C CG2 . ILE A 1 81 ? -10.849 -4.999  -13.923 1.00 32.30 ? 144 ILE A CG2 1 
ATOM   588 C CD1 . ILE A 1 81 ? -8.485  -3.132  -15.045 1.00 37.63 ? 144 ILE A CD1 1 
ATOM   589 N N   . TYR A 1 82 ? -13.054 -3.597  -11.626 1.00 26.58 ? 145 TYR A N   1 
ATOM   590 C CA  . TYR A 1 82 ? -13.845 -4.428  -10.718 1.00 26.69 ? 145 TYR A CA  1 
ATOM   591 C C   . TYR A 1 82 ? -15.042 -3.717  -10.102 1.00 24.78 ? 145 TYR A C   1 
ATOM   592 O O   . TYR A 1 82 ? -15.836 -4.364  -9.408  1.00 25.34 ? 145 TYR A O   1 
ATOM   593 C CB  . TYR A 1 82 ? -12.939 -4.965  -9.611  1.00 26.76 ? 145 TYR A CB  1 
ATOM   594 C CG  . TYR A 1 82 ? -11.742 -5.666  -10.192 1.00 30.47 ? 145 TYR A CG  1 
ATOM   595 C CD1 . TYR A 1 82 ? -11.884 -6.871  -10.896 1.00 32.15 ? 145 TYR A CD1 1 
ATOM   596 C CD2 . TYR A 1 82 ? -10.520 -5.030  -10.236 1.00 27.52 ? 145 TYR A CD2 1 
ATOM   597 C CE1 . TYR A 1 82 ? -10.783 -7.492  -11.486 1.00 36.77 ? 145 TYR A CE1 1 
ATOM   598 C CE2 . TYR A 1 82 ? -9.423  -5.620  -10.853 1.00 34.74 ? 145 TYR A CE2 1 
ATOM   599 C CZ  . TYR A 1 82 ? -9.553  -6.847  -11.466 1.00 31.89 ? 145 TYR A CZ  1 
ATOM   600 O OH  . TYR A 1 82 ? -8.444  -7.404  -12.059 1.00 32.61 ? 145 TYR A OH  1 
ATOM   601 N N   . GLY A 1 83 ? -15.194 -2.411  -10.329 1.00 25.53 ? 146 GLY A N   1 
ATOM   602 C CA  . GLY A 1 83 ? -16.290 -1.677  -9.722  1.00 24.70 ? 146 GLY A CA  1 
ATOM   603 C C   . GLY A 1 83 ? -17.636 -2.074  -10.304 1.00 32.63 ? 146 GLY A C   1 
ATOM   604 O O   . GLY A 1 83 ? -17.731 -2.591  -11.415 1.00 28.83 ? 146 GLY A O   1 
ATOM   605 N N   . LYS A 1 84 ? -18.693 -1.831  -9.525  1.00 30.49 ? 147 LYS A N   1 
ATOM   606 C CA  . LYS A 1 84 ? -20.063 -2.189  -9.900  1.00 31.57 ? 147 LYS A CA  1 
ATOM   607 C C   . LYS A 1 84 ? -20.497 -1.523  -11.203 1.00 34.88 ? 147 LYS A C   1 
ATOM   608 O O   . LYS A 1 84 ? -19.911 -0.525  -11.636 1.00 34.24 ? 147 LYS A O   1 
ATOM   609 C CB  . LYS A 1 84 ? -21.027 -1.819  -8.759  1.00 34.26 ? 147 LYS A CB  1 
ATOM   610 C CG  . LYS A 1 84 ? -22.521 -1.902  -9.097  1.00 35.37 ? 147 LYS A CG  1 
ATOM   611 C CD  . LYS A 1 84 ? -22.938 -3.311  -9.442  1.00 39.76 ? 147 LYS A CD  1 
ATOM   612 C CE  . LYS A 1 84 ? -24.453 -3.432  -9.591  1.00 40.53 ? 147 LYS A CE  1 
ATOM   613 N NZ  . LYS A 1 84 ? -25.017 -4.524  -8.767  1.00 36.15 ? 147 LYS A NZ  1 
HETATM 614 O O   . HOH B 2 .  ? -6.314  5.229   -12.322 1.00 33.22 ? 201 HOH A O   1 
HETATM 615 O O   . HOH B 2 .  ? -5.601  7.452   -0.052  1.00 23.75 ? 202 HOH A O   1 
HETATM 616 O O   . HOH B 2 .  ? 4.186   6.833   -5.269  1.00 32.23 ? 203 HOH A O   1 
HETATM 617 O O   . HOH B 2 .  ? -8.496  -4.028  2.677   1.00 28.14 ? 204 HOH A O   1 
HETATM 618 O O   . HOH B 2 .  ? -5.190  5.084   4.709   1.00 29.01 ? 205 HOH A O   1 
HETATM 619 O O   . HOH B 2 .  ? 16.380  1.347   8.019   1.00 33.76 ? 206 HOH A O   1 
HETATM 620 O O   . HOH B 2 .  ? -10.367 -7.692  -3.661  1.00 28.38 ? 207 HOH A O   1 
HETATM 621 O O   . HOH B 2 .  ? 1.647   2.236   -5.294  1.00 24.65 ? 208 HOH A O   1 
HETATM 622 O O   . HOH B 2 .  ? -7.459  -5.032  -4.042  1.00 21.36 ? 209 HOH A O   1 
HETATM 623 O O   . HOH B 2 .  ? -12.189 3.325   -2.036  1.00 24.89 ? 210 HOH A O   1 
HETATM 624 O O   . HOH B 2 .  ? -5.558  -1.190  7.870   1.00 29.62 ? 211 HOH A O   1 
HETATM 625 O O   . HOH B 2 .  ? -3.980  -4.184  2.731   1.00 25.05 ? 212 HOH A O   1 
HETATM 626 O O   . HOH B 2 .  ? 3.815   -8.901  -12.959 1.00 24.15 ? 213 HOH A O   1 
HETATM 627 O O   . HOH B 2 .  ? -6.394  1.685   -1.941  1.00 21.93 ? 214 HOH A O   1 
HETATM 628 O O   . HOH B 2 .  ? 1.065   4.358   -8.255  1.00 30.98 ? 215 HOH A O   1 
HETATM 629 O O   . HOH B 2 .  ? 0.558   -8.577  -8.308  1.00 25.84 ? 216 HOH A O   1 
HETATM 630 O O   . HOH B 2 .  ? 6.816   2.436   -1.521  1.00 20.66 ? 217 HOH A O   1 
HETATM 631 O O   . HOH B 2 .  ? -11.582 -2.386  0.201   1.00 26.14 ? 218 HOH A O   1 
HETATM 632 O O   . HOH B 2 .  ? -17.099 -4.634  -6.990  1.00 29.59 ? 219 HOH A O   1 
HETATM 633 O O   . HOH B 2 .  ? 4.587   7.065   11.675  1.00 31.47 ? 220 HOH A O   1 
HETATM 634 O O   . HOH B 2 .  ? 16.877  1.086   5.072   1.00 32.19 ? 221 HOH A O   1 
HETATM 635 O O   . HOH B 2 .  ? -0.867  2.976   -6.738  1.00 21.61 ? 222 HOH A O   1 
HETATM 636 O O   . HOH B 2 .  ? 7.639   0.833   -8.091  1.00 26.96 ? 223 HOH A O   1 
HETATM 637 O O   . HOH B 2 .  ? 1.927   -1.720  11.883  1.00 30.24 ? 224 HOH A O   1 
HETATM 638 O O   . HOH B 2 .  ? 10.690  -7.206  5.158   1.00 19.20 ? 225 HOH A O   1 
HETATM 639 O O   . HOH B 2 .  ? 5.109   13.943  -0.580  1.00 31.69 ? 226 HOH A O   1 
HETATM 640 O O   . HOH B 2 .  ? -7.338  0.062   -13.833 1.00 30.57 ? 227 HOH A O   1 
HETATM 641 O O   . HOH B 2 .  ? 1.157   13.762  5.457   1.00 35.50 ? 228 HOH A O   1 
HETATM 642 O O   . HOH B 2 .  ? -1.290  -9.481  -11.660 1.00 28.58 ? 229 HOH A O   1 
HETATM 643 O O   . HOH B 2 .  ? 3.216   -3.067  -15.483 1.00 34.98 ? 230 HOH A O   1 
HETATM 644 O O   . HOH B 2 .  ? 15.151  -5.568  9.424   1.00 25.29 ? 231 HOH A O   1 
HETATM 645 O O   . HOH B 2 .  ? 9.209   3.759   -1.178  1.00 28.20 ? 232 HOH A O   1 
HETATM 646 O O   . HOH B 2 .  ? -1.556  -2.225  -9.796  1.00 29.99 ? 233 HOH A O   1 
HETATM 647 O O   . HOH B 2 .  ? -16.780 1.012   -2.710  1.00 27.88 ? 234 HOH A O   1 
HETATM 648 O O   . HOH B 2 .  ? 15.246  -0.405  1.703   1.00 39.71 ? 235 HOH A O   1 
HETATM 649 O O   . HOH B 2 .  ? 6.306   -4.280  13.136  1.00 27.76 ? 236 HOH A O   1 
HETATM 650 O O   . HOH B 2 .  ? -2.145  1.357   -8.395  1.00 25.75 ? 237 HOH A O   1 
HETATM 651 O O   . HOH B 2 .  ? -2.164  -6.005  1.471   1.00 22.49 ? 238 HOH A O   1 
HETATM 652 O O   . HOH B 2 .  ? -11.925 4.718   1.423   1.00 34.41 ? 239 HOH A O   1 
HETATM 653 O O   . HOH B 2 .  ? 1.549   -12.768 -7.473  1.00 28.37 ? 240 HOH A O   1 
HETATM 654 O O   . HOH B 2 .  ? 8.388   4.590   6.080   1.00 31.38 ? 241 HOH A O   1 
HETATM 655 O O   . HOH B 2 .  ? -2.396  -4.415  5.227   1.00 33.22 ? 242 HOH A O   1 
HETATM 656 O O   . HOH B 2 .  ? -2.821  -0.704  -11.690 1.00 30.04 ? 243 HOH A O   1 
HETATM 657 O O   . HOH B 2 .  ? -10.522 -9.699  0.908   1.00 34.00 ? 244 HOH A O   1 
HETATM 658 O O   . HOH B 2 .  ? 3.629   4.193   -4.817  1.00 28.18 ? 245 HOH A O   1 
HETATM 659 O O   . HOH B 2 .  ? -15.621 3.952   -0.778  1.00 31.51 ? 246 HOH A O   1 
HETATM 660 O O   . HOH B 2 .  ? 6.044   3.507   -4.004  1.00 28.57 ? 247 HOH A O   1 
HETATM 661 O O   . HOH B 2 .  ? 3.025   14.269  -2.204  1.00 36.79 ? 248 HOH A O   1 
HETATM 662 O O   . HOH B 2 .  ? 11.571  2.816   -0.050  1.00 34.00 ? 249 HOH A O   1 
HETATM 663 O O   . HOH B 2 .  ? 12.442  0.488   2.025   1.00 32.56 ? 250 HOH A O   1 
# 
